data_5NC3
#
_entry.id   5NC3
#
_cell.length_a   86.697
_cell.length_b   155.171
_cell.length_c   77.796
_cell.angle_alpha   90.00
_cell.angle_beta   90.00
_cell.angle_gamma   90.00
#
_symmetry.space_group_name_H-M   'P 21 21 2'
#
loop_
_entity.id
_entity.type
_entity.pdbx_description
1 polymer 'Ferric enterobactin receptor'
2 non-polymer 'FE (III) ION'
3 non-polymer ~{N}-[2-[[(2~{S})-2-[[2,3-bis(oxidanyl)phenyl]carbonylamino]-3-[[(2~{S})-2-[[2,3-bis(oxidanyl)phenyl]carbonylamino]-3-oxidanylidene-3-(prop-2-ynylamino)propyl]amino]-3-oxidanylidene-propyl]amino]-2-oxidanylidene-ethyl]-2,3-bis(oxidanyl)benzamide
4 water water
#
_entity_poly.entity_id   1
_entity_poly.type   'polypeptide(L)'
_entity_poly.pdbx_seq_one_letter_code
;GAMAGQGDGSVIELGEQTVVATAQEETKQAPGVSIITAEDIAKRPPSNDLSQIIRTMPGVNLTGNSSSGQRGNNRQIDIR
GMGPENTLILVDGKPVSSRNSVRYGWRGERDSRGDTNWVPADQVERIEVIRGPAAARYGNGAAGGVVNIITKQAGAETHG
NLSVYSNFPQHKAEGASERMSFGLNGPLTENLSYRVYGNIAKTDSDDWDINAGHESNRTGKQAGTLPAGREGVRNKDIDG
LLSWRLTPEQTLEFEAGFSRQGNIYTGDTQNTNSNNYVKQMLGHETNRMYRETYSVTHRGEWDFGSSLAYLQYEKTRNSR
INEGLAGGTEGIFDPNNAGFYTATLRDLTAHGEVNLPLHLGYEQTLTLGSEWTEQKLDDPSSNTQNTEEGGSIPGLAGKN
RSSSSSARIFSLFAEDNIELMPGTMLTPGLRWDHHDIVGDNWSPSLNLSHALTERVTLKAGIARAYKAPNLYQLNPDYLL
YSRGQGCYGQSTSCYLRGNDGLKAETSVNKELGIEYSHDGLVAGLTYFRNDYKNKIESGLSPVDHASGGKGDYANAAIYQ
WENVPKAVVEGLEGTLTLPLADGLKWSNNLTYMLQSKNKETGDVLSVTPRYTLNSMLDWQATDDLSLQATVTWYGKQKPK
KYDYHGDRVTGSANDQLSPYAIAGLGGTYRLSKNLSLGAGVDNLFDKRLFRAGNAQGVVGIDGAGAATYNEPGRTFYTSL
TASF
;
_entity_poly.pdbx_strand_id   A
#
# COMPACT_ATOMS: atom_id res chain seq x y z
N VAL A 20 -12.58 25.97 -17.63
CA VAL A 20 -12.84 24.51 -17.39
C VAL A 20 -11.62 23.80 -16.80
N ALA A 21 -11.86 23.04 -15.71
CA ALA A 21 -10.82 22.25 -15.08
C ALA A 21 -10.36 21.11 -16.00
N THR A 22 -9.08 20.73 -15.91
CA THR A 22 -8.55 19.55 -16.63
C THR A 22 -9.28 18.29 -16.17
N ALA A 23 -9.19 17.21 -16.96
CA ALA A 23 -9.76 15.95 -16.49
C ALA A 23 -9.12 15.48 -15.16
N GLN A 24 -7.87 15.85 -14.91
CA GLN A 24 -7.15 15.38 -13.70
C GLN A 24 -7.66 16.04 -12.42
N GLU A 25 -7.79 17.36 -12.44
CA GLU A 25 -8.33 18.11 -11.30
C GLU A 25 -9.82 17.83 -11.11
N GLU A 26 -10.57 17.77 -12.22
CA GLU A 26 -12.02 17.51 -12.15
C GLU A 26 -12.33 16.18 -11.46
N THR A 27 -11.70 15.08 -11.90
CA THR A 27 -11.99 13.76 -11.32
C THR A 27 -11.57 13.57 -9.85
N LYS A 28 -10.92 14.58 -9.27
CA LYS A 28 -10.65 14.60 -7.84
C LYS A 28 -11.90 15.01 -7.04
N GLN A 29 -13.03 15.05 -7.73
CA GLN A 29 -14.32 15.40 -7.12
C GLN A 29 -15.33 14.23 -7.14
N ALA A 30 -14.88 13.05 -7.56
CA ALA A 30 -15.69 11.86 -7.52
C ALA A 30 -15.93 11.35 -6.08
N PRO A 31 -16.99 10.56 -5.90
CA PRO A 31 -17.30 10.08 -4.56
C PRO A 31 -16.16 9.20 -4.11
N GLY A 32 -15.52 8.52 -5.07
CA GLY A 32 -14.31 7.74 -4.82
C GLY A 32 -13.08 8.56 -4.50
N VAL A 33 -13.24 9.83 -4.14
CA VAL A 33 -12.09 10.61 -3.78
C VAL A 33 -12.18 11.21 -2.41
N SER A 34 -11.09 11.09 -1.66
CA SER A 34 -10.94 11.61 -0.29
C SER A 34 -9.65 12.44 -0.25
N ILE A 35 -9.67 13.46 0.59
CA ILE A 35 -8.50 14.27 0.85
C ILE A 35 -8.23 14.36 2.34
N ILE A 36 -6.99 14.10 2.71
CA ILE A 36 -6.54 14.30 4.08
C ILE A 36 -5.62 15.52 4.12
N THR A 37 -5.94 16.49 4.97
CA THR A 37 -5.18 17.74 5.06
C THR A 37 -4.08 17.70 6.12
N ALA A 38 -3.21 18.70 6.12
CA ALA A 38 -2.15 18.76 7.10
C ALA A 38 -2.75 18.91 8.48
N GLU A 39 -3.87 19.62 8.55
CA GLU A 39 -4.62 19.78 9.79
C GLU A 39 -5.28 18.47 10.32
N ASP A 40 -5.73 17.59 9.42
CA ASP A 40 -6.21 16.26 9.84
C ASP A 40 -5.07 15.47 10.47
N ILE A 41 -3.87 15.59 9.90
CA ILE A 41 -2.71 14.88 10.41
C ILE A 41 -2.35 15.34 11.83
N ALA A 42 -2.51 16.63 12.09
CA ALA A 42 -2.22 17.18 13.39
C ALA A 42 -3.16 16.67 14.48
N LYS A 43 -4.39 16.33 14.08
CA LYS A 43 -5.44 16.03 15.01
C LYS A 43 -5.56 14.52 15.25
N ARG A 44 -4.99 13.75 14.32
CA ARG A 44 -4.82 12.33 14.52
C ARG A 44 -3.41 11.93 14.12
N PRO A 45 -2.41 12.39 14.89
CA PRO A 45 -1.00 12.21 14.54
C PRO A 45 -0.62 10.74 14.50
N PRO A 46 -0.01 10.30 13.39
CA PRO A 46 0.37 8.90 13.30
C PRO A 46 1.64 8.60 14.09
N SER A 47 1.73 7.41 14.64
CA SER A 47 2.97 6.92 15.25
C SER A 47 4.17 7.18 14.35
N ASN A 48 4.17 6.58 13.16
CA ASN A 48 5.31 6.73 12.26
C ASN A 48 4.87 6.68 10.79
N ASP A 49 4.46 5.51 10.33
CA ASP A 49 3.82 5.31 9.02
C ASP A 49 2.50 6.03 8.80
N LEU A 50 2.31 6.57 7.60
CA LEU A 50 1.08 7.25 7.25
C LEU A 50 -0.12 6.34 7.04
N SER A 51 0.14 5.05 6.88
CA SER A 51 -0.96 4.14 6.64
C SER A 51 -1.97 4.32 7.76
N GLN A 52 -1.47 4.66 8.95
CA GLN A 52 -2.32 4.77 10.11
C GLN A 52 -3.47 5.73 9.90
N ILE A 53 -3.23 6.82 9.21
CA ILE A 53 -4.29 7.79 8.96
C ILE A 53 -4.95 7.59 7.58
N ILE A 54 -4.15 7.16 6.62
CA ILE A 54 -4.68 6.90 5.28
C ILE A 54 -5.81 5.87 5.33
N ARG A 55 -5.70 4.89 6.22
CA ARG A 55 -6.64 3.74 6.28
C ARG A 55 -8.06 4.10 6.76
N THR A 56 -8.20 5.29 7.32
CA THR A 56 -9.46 5.73 7.87
C THR A 56 -10.37 6.31 6.80
N MET A 57 -9.90 6.38 5.55
CA MET A 57 -10.75 6.85 4.49
C MET A 57 -11.70 5.77 4.05
N PRO A 58 -12.82 6.20 3.48
CA PRO A 58 -13.79 5.25 2.98
C PRO A 58 -13.28 4.39 1.85
N GLY A 59 -13.50 3.09 1.97
CA GLY A 59 -13.07 2.16 0.93
C GLY A 59 -11.65 1.69 1.11
N VAL A 60 -11.03 2.10 2.21
CA VAL A 60 -9.65 1.72 2.45
C VAL A 60 -9.55 0.77 3.64
N ASN A 61 -8.81 -0.31 3.47
CA ASN A 61 -8.48 -1.19 4.56
C ASN A 61 -6.96 -1.29 4.70
N LEU A 62 -6.54 -1.96 5.76
CA LEU A 62 -5.14 -2.18 6.03
C LEU A 62 -5.00 -3.69 6.19
N THR A 63 -4.43 -4.31 5.17
CA THR A 63 -4.60 -5.74 4.96
C THR A 63 -3.32 -6.32 4.32
N GLY A 64 -3.19 -7.65 4.30
CA GLY A 64 -2.17 -8.32 3.49
C GLY A 64 -2.68 -8.41 2.07
N ASN A 65 -1.89 -9.04 1.19
CA ASN A 65 -2.21 -9.01 -0.23
C ASN A 65 -3.05 -10.19 -0.68
N SER A 66 -2.84 -11.35 -0.07
CA SER A 66 -3.73 -12.48 -0.24
C SER A 66 -4.17 -12.92 1.16
N SER A 67 -4.45 -14.20 1.35
CA SER A 67 -5.17 -14.64 2.52
C SER A 67 -4.41 -15.65 3.35
N SER A 68 -3.13 -15.84 3.10
CA SER A 68 -2.36 -16.81 3.88
C SER A 68 -2.20 -16.33 5.32
N GLY A 69 -2.08 -15.03 5.50
CA GLY A 69 -1.78 -14.49 6.82
C GLY A 69 -0.27 -14.37 7.00
N GLN A 70 0.52 -14.75 6.00
CA GLN A 70 1.97 -14.62 6.13
C GLN A 70 2.37 -13.19 6.20
N ARG A 71 3.38 -12.94 7.01
CA ARG A 71 3.92 -11.62 7.28
C ARG A 71 2.79 -10.68 7.64
N GLY A 72 1.88 -11.22 8.46
CA GLY A 72 0.59 -10.59 8.80
C GLY A 72 0.59 -9.35 9.67
N ASN A 73 1.69 -9.08 10.34
CA ASN A 73 1.85 -7.82 11.03
C ASN A 73 2.43 -6.75 10.11
N ASN A 74 2.64 -7.11 8.86
CA ASN A 74 3.18 -6.18 7.88
C ASN A 74 2.09 -5.76 6.88
N ARG A 75 1.03 -5.15 7.35
CA ARG A 75 -0.13 -4.89 6.54
C ARG A 75 -0.02 -3.53 5.93
N GLN A 76 -0.60 -3.37 4.74
CA GLN A 76 -0.40 -2.21 3.91
C GLN A 76 -1.77 -1.75 3.40
N ILE A 77 -1.80 -0.60 2.74
CA ILE A 77 -3.05 0.02 2.35
C ILE A 77 -3.72 -0.67 1.17
N ASP A 78 -5.00 -0.98 1.35
CA ASP A 78 -5.79 -1.70 0.37
C ASP A 78 -7.01 -0.85 0.04
N ILE A 79 -7.23 -0.63 -1.25
CA ILE A 79 -8.37 0.16 -1.68
C ILE A 79 -9.48 -0.72 -2.23
N ARG A 80 -10.66 -0.67 -1.62
CA ARG A 80 -11.81 -1.44 -2.09
C ARG A 80 -11.50 -2.91 -2.26
N GLY A 81 -10.69 -3.46 -1.35
CA GLY A 81 -10.50 -4.90 -1.25
C GLY A 81 -9.65 -5.49 -2.37
N MET A 82 -8.96 -4.63 -3.10
CA MET A 82 -8.28 -5.04 -4.32
C MET A 82 -6.84 -5.44 -4.06
N GLY A 83 -6.43 -5.46 -2.80
CA GLY A 83 -5.07 -5.76 -2.45
C GLY A 83 -4.16 -4.54 -2.48
N PRO A 84 -3.03 -4.60 -1.74
CA PRO A 84 -2.10 -3.47 -1.68
C PRO A 84 -1.14 -3.39 -2.84
N GLU A 85 -1.05 -4.45 -3.62
CA GLU A 85 -0.27 -4.41 -4.85
C GLU A 85 -1.00 -3.62 -5.92
N ASN A 86 -2.28 -3.31 -5.65
CA ASN A 86 -3.08 -2.56 -6.60
C ASN A 86 -3.36 -1.17 -6.11
N THR A 87 -2.61 -0.75 -5.08
CA THR A 87 -2.59 0.57 -4.58
C THR A 87 -1.29 1.24 -4.97
N LEU A 88 -1.39 2.20 -5.89
CA LEU A 88 -0.25 2.95 -6.39
C LEU A 88 0.05 4.16 -5.50
N ILE A 89 1.26 4.20 -4.96
CA ILE A 89 1.67 5.30 -4.09
C ILE A 89 2.49 6.33 -4.86
N LEU A 90 2.02 7.57 -4.86
CA LEU A 90 2.81 8.64 -5.46
C LEU A 90 3.28 9.64 -4.40
N VAL A 91 4.43 10.26 -4.66
CA VAL A 91 4.83 11.41 -3.85
C VAL A 91 5.06 12.60 -4.79
N ASP A 92 4.21 13.59 -4.64
CA ASP A 92 4.23 14.78 -5.49
C ASP A 92 4.08 14.34 -6.93
N GLY A 93 3.17 13.40 -7.15
CA GLY A 93 2.86 12.89 -8.50
C GLY A 93 3.83 11.92 -9.16
N LYS A 94 4.86 11.47 -8.42
CA LYS A 94 5.92 10.60 -8.91
C LYS A 94 5.88 9.21 -8.17
N PRO A 95 5.94 8.11 -8.94
CA PRO A 95 5.75 6.78 -8.38
C PRO A 95 6.77 6.38 -7.33
N VAL A 96 6.28 5.69 -6.32
CA VAL A 96 7.16 5.01 -5.38
C VAL A 96 7.12 3.49 -5.67
N SER A 97 8.26 2.87 -5.95
CA SER A 97 8.23 1.48 -6.45
C SER A 97 9.04 0.53 -5.56
N SER A 98 9.50 0.99 -4.41
CA SER A 98 10.54 0.28 -3.68
C SER A 98 10.17 -1.13 -3.19
N ARG A 99 8.91 -1.35 -2.88
CA ARG A 99 8.51 -2.67 -2.43
C ARG A 99 8.66 -3.71 -3.52
N ASN A 100 8.69 -3.30 -4.78
CA ASN A 100 8.96 -4.23 -5.88
C ASN A 100 10.36 -4.85 -5.82
N SER A 101 11.21 -4.32 -4.92
CA SER A 101 12.54 -4.91 -4.61
C SER A 101 12.60 -6.04 -3.57
N VAL A 102 11.43 -6.42 -3.05
CA VAL A 102 11.29 -7.49 -2.07
C VAL A 102 10.58 -8.74 -2.62
N ARG A 103 11.13 -9.91 -2.29
CA ARG A 103 10.71 -11.19 -2.80
C ARG A 103 9.21 -11.38 -2.67
N TYR A 104 8.57 -11.72 -3.79
CA TYR A 104 7.14 -12.06 -3.81
C TYR A 104 6.95 -13.58 -3.68
N GLY A 105 6.28 -13.96 -2.58
CA GLY A 105 6.15 -15.36 -2.21
C GLY A 105 4.98 -16.13 -2.82
N TRP A 106 5.02 -17.45 -2.64
CA TRP A 106 4.04 -18.38 -3.21
C TRP A 106 2.64 -17.84 -2.98
N ARG A 107 2.45 -17.17 -1.84
CA ARG A 107 1.10 -16.82 -1.37
C ARG A 107 0.76 -15.37 -1.63
N GLY A 108 1.65 -14.60 -2.27
CA GLY A 108 1.31 -13.22 -2.60
C GLY A 108 1.72 -12.16 -1.59
N GLU A 109 2.58 -12.49 -0.64
CA GLU A 109 3.08 -11.50 0.27
C GLU A 109 4.54 -11.24 0.07
N ARG A 110 4.96 -10.07 0.48
CA ARG A 110 6.36 -9.73 0.55
C ARG A 110 6.72 -9.41 1.98
N ASP A 111 7.92 -9.74 2.41
CA ASP A 111 8.39 -9.32 3.73
C ASP A 111 8.68 -7.84 3.61
N SER A 112 7.64 -7.06 3.40
CA SER A 112 7.79 -5.64 3.16
C SER A 112 6.85 -4.87 4.07
N ARG A 113 7.29 -3.73 4.59
CA ARG A 113 6.38 -2.86 5.34
C ARG A 113 5.55 -1.93 4.42
N GLY A 114 5.78 -2.01 3.12
CA GLY A 114 5.02 -1.22 2.16
C GLY A 114 5.73 0.07 1.87
N ASP A 115 5.04 0.99 1.19
CA ASP A 115 5.65 2.21 0.69
C ASP A 115 4.94 3.50 1.20
N THR A 116 4.42 3.49 2.42
CA THR A 116 3.81 4.70 2.92
C THR A 116 4.60 5.35 4.06
N ASN A 117 5.84 4.96 4.23
CA ASN A 117 6.61 5.46 5.37
C ASN A 117 7.89 6.13 4.90
N TRP A 118 7.89 6.65 3.68
CA TRP A 118 9.09 7.29 3.09
C TRP A 118 9.08 8.79 3.28
N VAL A 119 7.90 9.38 3.40
CA VAL A 119 7.73 10.81 3.66
C VAL A 119 7.24 11.03 5.09
N PRO A 120 7.89 11.92 5.84
CA PRO A 120 7.52 12.05 7.24
C PRO A 120 6.25 12.83 7.46
N ALA A 121 5.42 12.37 8.38
CA ALA A 121 4.06 12.88 8.45
C ALA A 121 3.95 14.41 8.55
N ASP A 122 4.83 15.04 9.30
CA ASP A 122 4.67 16.47 9.56
C ASP A 122 5.18 17.38 8.43
N GLN A 123 5.79 16.81 7.41
CA GLN A 123 6.10 17.58 6.20
C GLN A 123 5.07 17.41 5.08
N VAL A 124 4.00 16.69 5.35
CA VAL A 124 2.98 16.48 4.36
C VAL A 124 1.96 17.58 4.38
N GLU A 125 1.73 18.17 3.22
CA GLU A 125 0.71 19.18 3.03
C GLU A 125 -0.64 18.55 2.90
N ARG A 126 -0.79 17.61 1.97
CA ARG A 126 -2.03 16.81 1.93
C ARG A 126 -1.85 15.43 1.32
N ILE A 127 -2.83 14.58 1.56
CA ILE A 127 -2.84 13.27 0.94
C ILE A 127 -4.10 13.08 0.15
N GLU A 128 -3.96 12.64 -1.10
CA GLU A 128 -5.13 12.44 -1.96
C GLU A 128 -5.35 10.99 -2.17
N VAL A 129 -6.56 10.50 -1.96
CA VAL A 129 -6.85 9.08 -2.18
C VAL A 129 -7.92 8.94 -3.22
N ILE A 130 -7.61 8.24 -4.30
CA ILE A 130 -8.48 8.19 -5.45
C ILE A 130 -8.81 6.75 -5.76
N ARG A 131 -10.08 6.40 -5.74
CA ARG A 131 -10.48 5.01 -5.74
C ARG A 131 -11.34 4.60 -6.94
N GLY A 132 -11.20 3.36 -7.37
CA GLY A 132 -11.92 2.89 -8.55
C GLY A 132 -11.59 3.60 -9.85
N PRO A 133 -12.63 3.98 -10.59
CA PRO A 133 -12.62 4.42 -11.98
C PRO A 133 -11.96 5.78 -12.24
N ALA A 134 -11.95 6.69 -11.27
CA ALA A 134 -11.23 7.94 -11.44
C ALA A 134 -9.70 7.80 -11.29
N ALA A 135 -9.25 6.62 -10.83
CA ALA A 135 -7.83 6.31 -10.67
C ALA A 135 -7.19 5.53 -11.85
N ALA A 136 -8.01 4.90 -12.69
CA ALA A 136 -7.51 4.04 -13.74
C ALA A 136 -6.60 4.78 -14.74
N ARG A 137 -6.92 6.04 -14.98
CA ARG A 137 -6.13 6.93 -15.81
C ARG A 137 -4.67 6.99 -15.41
N TYR A 138 -4.34 6.63 -14.17
CA TYR A 138 -2.94 6.63 -13.75
C TYR A 138 -2.16 5.37 -14.23
N GLY A 139 -2.89 4.35 -14.65
CA GLY A 139 -2.31 3.24 -15.32
C GLY A 139 -1.93 2.17 -14.33
N ASN A 140 -0.71 1.72 -14.51
CA ASN A 140 -0.28 0.44 -13.99
C ASN A 140 -0.21 0.47 -12.49
N GLY A 141 -1.00 -0.39 -11.90
CA GLY A 141 -1.00 -0.60 -10.47
C GLY A 141 -2.04 0.17 -9.71
N ALA A 142 -3.00 0.76 -10.43
CA ALA A 142 -4.08 1.56 -9.84
C ALA A 142 -5.43 0.85 -9.87
N ALA A 143 -5.41 -0.46 -10.05
CA ALA A 143 -6.68 -1.20 -10.13
C ALA A 143 -7.49 -1.01 -8.84
N GLY A 144 -6.80 -0.85 -7.71
CA GLY A 144 -7.48 -0.49 -6.47
C GLY A 144 -7.64 1.01 -6.43
N GLY A 145 -6.52 1.70 -6.50
CA GLY A 145 -6.55 3.15 -6.54
C GLY A 145 -5.20 3.81 -6.37
N VAL A 146 -5.19 5.11 -6.19
CA VAL A 146 -3.98 5.88 -6.06
C VAL A 146 -4.02 6.59 -4.73
N VAL A 147 -2.87 6.70 -4.11
CA VAL A 147 -2.68 7.50 -2.91
C VAL A 147 -1.53 8.38 -3.28
N ASN A 148 -1.77 9.70 -3.30
CA ASN A 148 -0.74 10.69 -3.68
C ASN A 148 -0.38 11.57 -2.50
N ILE A 149 0.83 11.41 -2.01
CA ILE A 149 1.29 12.14 -0.84
C ILE A 149 1.94 13.45 -1.24
N ILE A 150 1.36 14.59 -0.88
CA ILE A 150 1.90 15.87 -1.29
C ILE A 150 2.60 16.57 -0.15
N THR A 151 3.82 17.06 -0.43
CA THR A 151 4.65 17.66 0.56
C THR A 151 4.40 19.15 0.60
N LYS A 152 4.58 19.73 1.78
CA LYS A 152 4.61 21.17 1.96
C LYS A 152 5.70 21.78 1.08
N GLN A 153 5.39 22.96 0.57
CA GLN A 153 6.18 23.61 -0.46
C GLN A 153 6.54 25.00 -0.01
N ALA A 154 7.58 25.61 -0.62
CA ALA A 154 7.92 26.98 -0.29
C ALA A 154 6.89 28.00 -0.76
N GLY A 155 6.91 29.15 -0.08
CA GLY A 155 6.12 30.31 -0.45
C GLY A 155 6.96 31.54 -0.68
N ALA A 156 6.37 32.71 -0.47
CA ALA A 156 7.00 33.97 -0.84
C ALA A 156 7.87 34.52 0.27
N GLU A 157 8.08 33.70 1.29
CA GLU A 157 8.79 34.11 2.49
C GLU A 157 9.32 32.87 3.20
N THR A 158 10.49 33.01 3.79
CA THR A 158 11.10 31.91 4.53
C THR A 158 10.11 31.46 5.61
N HIS A 159 9.80 30.18 5.61
CA HIS A 159 8.99 29.56 6.67
C HIS A 159 9.69 28.28 7.14
N GLY A 160 9.22 27.73 8.26
CA GLY A 160 9.82 26.48 8.79
C GLY A 160 9.05 25.93 10.00
N ASN A 161 9.30 24.66 10.31
CA ASN A 161 8.63 24.04 11.46
C ASN A 161 9.55 23.04 12.14
N LEU A 162 9.21 22.72 13.40
CA LEU A 162 9.82 21.62 14.17
C LEU A 162 8.71 20.76 14.84
N SER A 163 8.57 19.49 14.42
CA SER A 163 7.52 18.66 14.97
C SER A 163 8.08 17.41 15.64
N VAL A 164 7.59 17.10 16.82
CA VAL A 164 8.14 16.05 17.64
C VAL A 164 6.98 15.25 18.18
N TYR A 165 7.14 13.92 18.21
CA TYR A 165 6.09 13.03 18.67
C TYR A 165 6.73 11.97 19.56
N SER A 166 5.92 11.42 20.44
CA SER A 166 6.36 10.36 21.30
C SER A 166 5.13 9.67 21.85
N ASN A 167 5.07 8.36 21.73
CA ASN A 167 4.04 7.62 22.46
C ASN A 167 4.61 6.74 23.60
N PHE A 168 3.69 6.25 24.39
CA PHE A 168 3.99 5.59 25.66
C PHE A 168 2.95 4.51 25.97
N PRO A 169 3.22 3.28 25.54
CA PRO A 169 2.23 2.22 25.73
C PRO A 169 2.12 1.73 27.16
N GLN A 170 0.91 1.42 27.61
CA GLN A 170 0.69 0.89 28.95
C GLN A 170 1.50 -0.42 29.13
N HIS A 171 1.25 -1.33 28.20
CA HIS A 171 1.95 -2.56 28.09
C HIS A 171 3.30 -2.33 27.37
N LYS A 172 4.37 -2.77 28.04
CA LYS A 172 5.76 -2.42 27.70
C LYS A 172 6.32 -3.27 26.58
N ALA A 173 5.68 -4.42 26.34
CA ALA A 173 6.12 -5.34 25.32
C ALA A 173 5.93 -4.61 23.99
N GLU A 174 4.80 -3.90 23.87
CA GLU A 174 4.50 -3.11 22.69
C GLU A 174 5.52 -1.99 22.47
N GLY A 175 5.73 -1.71 21.19
CA GLY A 175 6.78 -0.82 20.73
C GLY A 175 6.30 0.61 20.73
N ALA A 176 7.10 1.46 21.36
CA ALA A 176 6.89 2.89 21.43
C ALA A 176 7.58 3.61 20.26
N SER A 177 7.04 4.77 19.88
CA SER A 177 7.57 5.50 18.74
C SER A 177 8.08 6.89 19.14
N GLU A 178 9.29 7.24 18.69
CA GLU A 178 9.88 8.56 18.88
C GLU A 178 10.13 9.09 17.47
N ARG A 179 9.79 10.34 17.20
CA ARG A 179 9.76 10.84 15.84
C ARG A 179 10.05 12.34 15.87
N MET A 180 11.02 12.78 15.08
CA MET A 180 11.47 14.19 15.10
C MET A 180 11.75 14.65 13.68
N SER A 181 11.09 15.72 13.23
CA SER A 181 11.30 16.23 11.89
C SER A 181 11.40 17.75 11.90
N PHE A 182 12.10 18.27 10.90
CA PHE A 182 12.10 19.73 10.69
C PHE A 182 11.79 20.08 9.24
N GLY A 183 11.29 21.30 8.97
CA GLY A 183 11.27 21.82 7.62
C GLY A 183 11.73 23.26 7.55
N LEU A 184 12.43 23.58 6.46
CA LEU A 184 12.79 24.95 6.19
C LEU A 184 12.65 25.27 4.69
N ASN A 185 12.03 26.41 4.43
CA ASN A 185 11.74 26.75 3.05
C ASN A 185 11.60 28.24 2.86
N GLY A 186 11.80 28.68 1.61
CA GLY A 186 11.74 30.10 1.26
C GLY A 186 12.60 30.55 0.08
N PRO A 187 12.77 31.86 -0.07
CA PRO A 187 13.53 32.42 -1.20
C PRO A 187 15.05 32.33 -1.03
N LEU A 188 15.76 32.36 -2.15
CA LEU A 188 17.19 32.52 -2.17
C LEU A 188 17.44 33.79 -2.93
N THR A 189 16.98 33.80 -4.18
CA THR A 189 16.99 34.96 -5.05
C THR A 189 15.53 35.37 -5.29
N GLU A 190 15.30 36.36 -6.15
CA GLU A 190 13.93 36.68 -6.53
C GLU A 190 13.35 35.50 -7.27
N ASN A 191 14.17 34.87 -8.11
CA ASN A 191 13.67 33.80 -8.98
C ASN A 191 14.23 32.43 -8.61
N LEU A 192 14.48 32.22 -7.31
CA LEU A 192 15.05 30.96 -6.84
C LEU A 192 14.56 30.62 -5.44
N SER A 193 13.87 29.49 -5.32
CA SER A 193 13.43 28.97 -4.02
C SER A 193 14.01 27.62 -3.61
N TYR A 194 14.00 27.36 -2.31
CA TYR A 194 14.41 26.06 -1.76
C TYR A 194 13.36 25.54 -0.76
N ARG A 195 13.26 24.23 -0.66
CA ARG A 195 12.46 23.59 0.37
C ARG A 195 13.24 22.34 0.82
N VAL A 196 13.53 22.27 2.10
CA VAL A 196 14.24 21.11 2.62
C VAL A 196 13.60 20.61 3.92
N TYR A 197 13.67 19.31 4.11
CA TYR A 197 13.31 18.71 5.38
C TYR A 197 14.21 17.53 5.70
N GLY A 198 14.14 17.11 6.96
CA GLY A 198 14.86 15.97 7.46
C GLY A 198 14.06 15.40 8.60
N ASN A 199 14.05 14.07 8.65
CA ASN A 199 13.28 13.37 9.68
C ASN A 199 14.15 12.27 10.24
N ILE A 200 14.05 12.09 11.55
CA ILE A 200 14.52 10.85 12.18
C ILE A 200 13.43 10.28 13.07
N ALA A 201 13.20 8.97 12.89
CA ALA A 201 12.19 8.25 13.67
C ALA A 201 12.61 6.85 14.07
N LYS A 202 11.94 6.35 15.10
CA LYS A 202 12.12 4.98 15.57
C LYS A 202 10.78 4.51 16.14
N THR A 203 10.21 3.47 15.52
CA THR A 203 9.23 2.63 16.17
C THR A 203 10.02 1.41 16.65
N ASP A 204 9.96 1.16 17.96
CA ASP A 204 10.58 -0.01 18.54
C ASP A 204 9.82 -1.26 18.06
N SER A 205 10.54 -2.37 17.98
CA SER A 205 9.92 -3.65 17.75
C SER A 205 9.15 -4.08 18.95
N ASP A 206 8.09 -4.86 18.76
CA ASP A 206 7.47 -5.52 19.89
C ASP A 206 8.46 -6.51 20.49
N ASP A 207 8.38 -6.69 21.80
CA ASP A 207 9.12 -7.78 22.47
C ASP A 207 8.88 -9.10 21.77
N TRP A 208 9.90 -9.93 21.70
CA TRP A 208 9.80 -11.24 21.04
C TRP A 208 8.62 -12.05 21.61
N ASP A 209 8.36 -11.87 22.90
CA ASP A 209 7.46 -12.80 23.60
C ASP A 209 6.02 -12.31 23.70
N ILE A 210 5.75 -11.14 23.15
CA ILE A 210 4.44 -10.50 23.27
C ILE A 210 3.24 -11.38 22.94
N ASN A 211 3.38 -12.33 22.03
CA ASN A 211 2.25 -13.21 21.72
C ASN A 211 2.21 -14.54 22.48
N ALA A 212 3.05 -14.70 23.51
CA ALA A 212 3.01 -15.93 24.32
C ALA A 212 1.70 -16.06 25.11
N GLY A 213 1.10 -17.25 25.07
CA GLY A 213 -0.26 -17.44 25.59
C GLY A 213 -1.34 -17.25 24.53
N HIS A 214 -0.99 -16.58 23.43
CA HIS A 214 -1.95 -16.39 22.33
C HIS A 214 -1.62 -17.17 21.08
N GLU A 215 -0.37 -17.61 20.98
CA GLU A 215 0.09 -18.47 19.88
C GLU A 215 -0.74 -19.72 19.69
N SER A 216 -0.96 -20.11 18.43
CA SER A 216 -1.65 -21.34 18.09
C SER A 216 -0.91 -22.56 18.63
N ASN A 217 -1.63 -23.67 18.77
CA ASN A 217 -1.08 -24.82 19.42
C ASN A 217 0.15 -25.36 18.69
N ARG A 218 1.17 -25.71 19.46
CA ARG A 218 2.50 -25.93 18.91
C ARG A 218 3.17 -27.23 19.35
N THR A 219 2.89 -28.29 18.58
CA THR A 219 3.41 -29.63 18.79
C THR A 219 4.86 -29.79 18.32
N GLY A 220 5.48 -30.84 18.83
CA GLY A 220 6.64 -31.48 18.20
C GLY A 220 7.89 -30.67 18.36
N LYS A 221 8.61 -30.47 17.27
CA LYS A 221 9.80 -29.64 17.27
C LYS A 221 9.42 -28.17 17.19
N GLN A 222 8.19 -27.89 16.80
CA GLN A 222 7.71 -26.51 16.72
C GLN A 222 7.23 -25.98 18.06
N ALA A 223 7.28 -26.82 19.10
CA ALA A 223 7.00 -26.37 20.47
C ALA A 223 7.90 -25.21 20.90
N GLY A 224 7.30 -24.12 21.37
CA GLY A 224 8.07 -22.96 21.77
C GLY A 224 8.22 -21.89 20.73
N THR A 225 7.98 -22.21 19.46
CA THR A 225 7.92 -21.19 18.39
C THR A 225 6.84 -20.16 18.64
N LEU A 226 7.04 -18.95 18.11
CA LEU A 226 6.13 -17.86 18.39
C LEU A 226 5.83 -17.04 17.18
N PRO A 227 4.54 -16.70 16.97
CA PRO A 227 4.28 -15.61 16.03
C PRO A 227 4.81 -14.30 16.56
N ALA A 228 5.57 -13.58 15.74
CA ALA A 228 6.23 -12.41 16.20
C ALA A 228 5.19 -11.31 16.32
N GLY A 229 5.50 -10.27 17.06
CA GLY A 229 4.70 -9.07 16.95
C GLY A 229 5.11 -8.19 15.78
N ARG A 230 4.82 -6.90 15.92
CA ARG A 230 5.24 -5.93 14.95
C ARG A 230 6.74 -5.67 14.96
N GLU A 231 7.27 -5.65 13.76
CA GLU A 231 8.64 -5.34 13.47
C GLU A 231 8.82 -3.86 13.72
N GLY A 232 10.03 -3.45 14.02
CA GLY A 232 10.33 -2.05 14.29
C GLY A 232 11.17 -1.44 13.18
N VAL A 233 11.24 -0.12 13.16
CA VAL A 233 11.95 0.53 12.06
C VAL A 233 12.67 1.79 12.49
N ARG A 234 13.89 1.97 12.02
CA ARG A 234 14.61 3.23 12.19
C ARG A 234 14.56 3.94 10.85
N ASN A 235 14.06 5.17 10.85
CA ASN A 235 14.01 6.02 9.64
C ASN A 235 15.04 7.17 9.63
N LYS A 236 15.65 7.41 8.47
CA LYS A 236 16.34 8.66 8.19
C LYS A 236 15.92 9.20 6.82
N ASP A 237 15.30 10.36 6.81
CA ASP A 237 14.82 10.91 5.56
C ASP A 237 15.44 12.29 5.43
N ILE A 238 15.88 12.63 4.22
CA ILE A 238 16.42 13.92 3.94
C ILE A 238 15.97 14.24 2.51
N ASP A 239 15.30 15.36 2.36
CA ASP A 239 14.92 15.81 1.05
C ASP A 239 15.39 17.23 0.82
N GLY A 240 15.88 17.49 -0.39
CA GLY A 240 16.14 18.86 -0.84
C GLY A 240 15.45 19.10 -2.18
N LEU A 241 14.84 20.28 -2.30
CA LEU A 241 14.17 20.73 -3.52
C LEU A 241 14.64 22.15 -3.85
N LEU A 242 14.94 22.40 -5.12
CA LEU A 242 15.33 23.72 -5.59
C LEU A 242 14.40 24.11 -6.76
N SER A 243 13.71 25.24 -6.61
CA SER A 243 12.74 25.69 -7.58
C SER A 243 13.26 26.93 -8.23
N TRP A 244 13.45 26.91 -9.54
CA TRP A 244 14.05 28.02 -10.25
C TRP A 244 13.05 28.58 -11.25
N ARG A 245 12.73 29.86 -11.14
CA ARG A 245 11.83 30.54 -12.10
C ARG A 245 12.63 31.02 -13.29
N LEU A 246 12.58 30.28 -14.40
CA LEU A 246 13.22 30.73 -15.62
C LEU A 246 12.49 31.95 -16.12
N THR A 247 11.18 31.77 -16.25
CA THR A 247 10.30 32.81 -16.74
C THR A 247 9.06 32.86 -15.85
N PRO A 248 8.26 33.93 -15.98
CA PRO A 248 6.93 33.97 -15.40
C PRO A 248 6.08 32.83 -15.87
N GLU A 249 6.37 32.31 -17.06
CA GLU A 249 5.60 31.21 -17.63
C GLU A 249 6.23 29.82 -17.37
N GLN A 250 7.53 29.76 -17.09
CA GLN A 250 8.18 28.47 -16.88
C GLN A 250 8.87 28.35 -15.52
N THR A 251 8.66 27.18 -14.93
CA THR A 251 9.43 26.76 -13.78
C THR A 251 10.16 25.42 -14.00
N LEU A 252 11.34 25.34 -13.39
CA LEU A 252 12.20 24.16 -13.36
C LEU A 252 12.55 23.81 -11.91
N GLU A 253 12.19 22.60 -11.52
CA GLU A 253 12.44 22.12 -10.16
C GLU A 253 13.40 20.95 -10.18
N PHE A 254 14.37 20.99 -9.26
CA PHE A 254 15.29 19.85 -9.05
C PHE A 254 15.13 19.31 -7.63
N GLU A 255 15.00 18.00 -7.49
CA GLU A 255 15.02 17.48 -6.14
C GLU A 255 15.66 16.13 -6.01
N ALA A 256 16.27 15.94 -4.83
CA ALA A 256 16.94 14.72 -4.47
C ALA A 256 16.41 14.23 -3.13
N GLY A 257 16.25 12.92 -3.01
CA GLY A 257 15.77 12.36 -1.75
C GLY A 257 16.69 11.22 -1.34
N PHE A 258 17.00 11.21 -0.03
CA PHE A 258 17.67 10.05 0.57
C PHE A 258 16.88 9.56 1.77
N SER A 259 16.39 8.32 1.68
CA SER A 259 15.79 7.65 2.84
C SER A 259 16.45 6.32 3.16
N ARG A 260 16.53 5.98 4.44
CA ARG A 260 17.01 4.69 4.93
C ARG A 260 16.03 4.15 6.00
N GLN A 261 15.55 2.95 5.81
CA GLN A 261 14.83 2.23 6.83
C GLN A 261 15.70 1.02 7.15
N GLY A 262 15.91 0.79 8.43
CA GLY A 262 16.47 -0.46 8.90
C GLY A 262 15.50 -0.97 9.92
N ASN A 263 15.25 -2.27 9.91
CA ASN A 263 14.26 -2.78 10.83
C ASN A 263 14.91 -3.03 12.17
N ILE A 264 14.06 -3.50 13.08
CA ILE A 264 14.46 -4.14 14.33
C ILE A 264 13.68 -5.46 14.39
N TYR A 265 14.42 -6.57 14.33
CA TYR A 265 13.80 -7.85 14.04
C TYR A 265 13.27 -8.45 15.34
N THR A 266 12.02 -8.94 15.33
CA THR A 266 11.46 -9.61 16.53
C THR A 266 10.81 -10.99 16.33
N GLY A 267 11.44 -11.82 15.49
CA GLY A 267 11.12 -13.24 15.40
C GLY A 267 10.23 -13.59 14.21
N ASP A 268 9.97 -12.61 13.34
CA ASP A 268 9.05 -12.90 12.23
C ASP A 268 9.71 -13.87 11.25
N THR A 269 8.94 -14.90 10.85
CA THR A 269 9.32 -15.84 9.79
C THR A 269 8.07 -16.19 9.01
N GLN A 270 8.18 -16.42 7.72
CA GLN A 270 7.00 -16.66 6.92
C GLN A 270 6.05 -17.65 7.56
N ASN A 271 6.57 -18.79 8.01
CA ASN A 271 5.71 -19.84 8.54
C ASN A 271 5.56 -19.88 10.04
N THR A 272 6.28 -19.01 10.74
CA THR A 272 6.26 -18.95 12.23
C THR A 272 7.01 -20.09 12.92
N ASN A 273 7.66 -20.94 12.13
CA ASN A 273 8.72 -21.83 12.62
C ASN A 273 9.94 -21.02 12.99
N SER A 274 10.86 -21.63 13.73
CA SER A 274 12.04 -20.91 14.15
C SER A 274 13.26 -21.77 13.88
N ASN A 275 14.41 -21.17 14.08
CA ASN A 275 15.68 -21.90 14.17
C ASN A 275 16.61 -21.00 14.99
N ASN A 276 17.89 -21.33 15.05
CA ASN A 276 18.85 -20.57 15.85
C ASN A 276 19.32 -19.26 15.25
N TYR A 277 19.36 -19.16 13.92
CA TYR A 277 19.72 -17.90 13.29
C TYR A 277 18.65 -16.84 13.68
N VAL A 278 17.38 -17.23 13.63
CA VAL A 278 16.28 -16.37 14.04
C VAL A 278 16.60 -15.76 15.41
N LYS A 279 16.90 -16.64 16.37
CA LYS A 279 17.03 -16.25 17.76
C LYS A 279 18.27 -15.41 18.01
N GLN A 280 19.35 -15.71 17.31
CA GLN A 280 20.53 -14.84 17.32
C GLN A 280 20.16 -13.36 16.98
N MET A 281 19.18 -13.17 16.10
CA MET A 281 19.01 -11.90 15.38
C MET A 281 17.98 -11.02 16.05
N LEU A 282 17.32 -11.55 17.07
CA LEU A 282 16.39 -10.73 17.86
C LEU A 282 17.08 -9.43 18.25
N GLY A 283 16.41 -8.34 17.93
CA GLY A 283 16.92 -7.01 18.29
C GLY A 283 17.80 -6.42 17.21
N HIS A 284 18.29 -7.28 16.33
CA HIS A 284 19.21 -6.86 15.29
C HIS A 284 18.46 -6.33 14.08
N GLU A 285 19.21 -5.53 13.31
CA GLU A 285 18.79 -5.07 12.00
C GLU A 285 19.07 -6.13 10.92
N THR A 286 18.02 -6.78 10.40
CA THR A 286 18.16 -7.90 9.50
C THR A 286 17.73 -7.54 8.06
N ASN A 287 17.07 -6.40 7.91
CA ASN A 287 16.90 -5.80 6.60
C ASN A 287 17.10 -4.28 6.64
N ARG A 288 17.74 -3.73 5.60
CA ARG A 288 17.82 -2.30 5.43
C ARG A 288 17.51 -1.90 4.00
N MET A 289 16.65 -0.90 3.86
CA MET A 289 16.24 -0.37 2.56
C MET A 289 16.77 1.05 2.46
N TYR A 290 17.64 1.28 1.48
CA TYR A 290 18.06 2.63 1.10
C TYR A 290 17.22 3.01 -0.14
N ARG A 291 16.62 4.18 -0.12
CA ARG A 291 15.89 4.71 -1.26
C ARG A 291 16.45 6.05 -1.60
N GLU A 292 16.93 6.15 -2.85
CA GLU A 292 17.44 7.41 -3.43
C GLU A 292 16.60 7.84 -4.65
N THR A 293 16.13 9.09 -4.59
CA THR A 293 15.28 9.63 -5.65
C THR A 293 15.90 10.91 -6.13
N TYR A 294 16.02 11.02 -7.45
CA TYR A 294 16.42 12.28 -8.09
C TYR A 294 15.36 12.62 -9.13
N SER A 295 15.00 13.90 -9.23
CA SER A 295 13.94 14.24 -10.13
C SER A 295 14.12 15.63 -10.70
N VAL A 296 13.77 15.75 -11.98
CA VAL A 296 13.70 17.03 -12.62
C VAL A 296 12.29 17.26 -13.14
N THR A 297 11.77 18.45 -12.88
CA THR A 297 10.40 18.75 -13.25
C THR A 297 10.27 20.08 -13.95
N HIS A 298 9.71 20.03 -15.15
CA HIS A 298 9.37 21.25 -15.91
C HIS A 298 7.88 21.51 -15.84
N ARG A 299 7.53 22.74 -15.48
CA ARG A 299 6.15 23.13 -15.29
C ARG A 299 5.99 24.47 -15.99
N GLY A 300 4.91 24.60 -16.78
CA GLY A 300 4.69 25.79 -17.60
C GLY A 300 3.23 26.20 -17.62
N GLU A 301 2.97 27.49 -17.38
CA GLU A 301 1.64 28.03 -17.59
C GLU A 301 1.73 29.00 -18.75
N TRP A 302 0.85 28.84 -19.73
CA TRP A 302 1.00 29.49 -21.02
C TRP A 302 -0.20 30.28 -21.42
N ASP A 303 -0.05 30.93 -22.57
CA ASP A 303 -1.12 31.60 -23.28
C ASP A 303 -2.37 30.74 -23.46
N PHE A 304 -2.21 29.56 -24.04
CA PHE A 304 -3.37 28.80 -24.44
C PHE A 304 -3.30 27.45 -23.78
N GLY A 305 -2.77 27.45 -22.56
CA GLY A 305 -2.84 26.28 -21.68
C GLY A 305 -1.70 26.18 -20.68
N SER A 306 -1.53 24.97 -20.14
CA SER A 306 -0.39 24.61 -19.26
C SER A 306 0.21 23.24 -19.59
N SER A 307 1.38 22.97 -19.02
CA SER A 307 2.09 21.73 -19.31
C SER A 307 2.99 21.31 -18.18
N LEU A 308 3.26 20.02 -18.13
CA LEU A 308 4.12 19.43 -17.09
C LEU A 308 4.98 18.34 -17.69
N ALA A 309 6.32 18.39 -17.51
CA ALA A 309 7.19 17.21 -17.81
C ALA A 309 8.17 16.88 -16.68
N TYR A 310 8.34 15.61 -16.34
CA TYR A 310 9.28 15.25 -15.31
C TYR A 310 10.05 13.98 -15.62
N LEU A 311 11.23 13.93 -15.01
CA LEU A 311 12.05 12.74 -14.99
C LEU A 311 12.36 12.33 -13.53
N GLN A 312 12.14 11.05 -13.26
CA GLN A 312 12.51 10.48 -11.97
C GLN A 312 13.35 9.23 -12.11
N TYR A 313 14.43 9.20 -11.32
CA TYR A 313 15.27 8.02 -11.13
C TYR A 313 15.13 7.61 -9.67
N GLU A 314 14.58 6.43 -9.48
CA GLU A 314 14.50 5.86 -8.13
C GLU A 314 15.39 4.64 -8.03
N LYS A 315 16.35 4.67 -7.11
CA LYS A 315 17.26 3.52 -6.91
C LYS A 315 17.04 2.96 -5.53
N THR A 316 16.64 1.72 -5.46
CA THR A 316 16.30 1.13 -4.19
C THR A 316 17.24 -0.02 -3.95
N ARG A 317 17.99 0.03 -2.84
CA ARG A 317 18.81 -1.10 -2.36
C ARG A 317 18.17 -1.81 -1.15
N ASN A 318 17.79 -3.07 -1.30
CA ASN A 318 17.19 -3.85 -0.25
C ASN A 318 18.21 -4.88 0.20
N SER A 319 18.87 -4.62 1.33
CA SER A 319 19.86 -5.56 1.86
C SER A 319 19.31 -6.35 3.04
N ARG A 320 19.34 -7.66 2.96
CA ARG A 320 18.82 -8.45 4.04
C ARG A 320 19.41 -9.84 4.06
N ILE A 321 19.09 -10.52 5.15
CA ILE A 321 19.65 -11.82 5.42
C ILE A 321 19.03 -12.86 4.50
N ASN A 322 19.87 -13.71 3.95
CA ASN A 322 19.41 -14.82 3.09
C ASN A 322 18.35 -15.68 3.77
N GLU A 323 17.29 -15.98 3.05
CA GLU A 323 16.22 -16.81 3.53
C GLU A 323 16.15 -17.97 2.61
N GLY A 324 15.47 -19.02 3.03
CA GLY A 324 15.26 -20.22 2.21
C GLY A 324 14.13 -20.02 1.22
N LEU A 325 14.00 -20.99 0.30
CA LEU A 325 13.04 -20.91 -0.77
C LEU A 325 12.24 -22.20 -0.98
N ALA A 326 12.16 -23.02 0.05
CA ALA A 326 11.57 -24.34 -0.09
C ALA A 326 10.71 -24.71 1.11
N GLY A 327 9.42 -24.96 0.83
CA GLY A 327 8.47 -25.42 1.83
C GLY A 327 8.49 -24.63 3.14
N GLY A 328 8.73 -25.32 4.24
CA GLY A 328 8.93 -24.63 5.49
C GLY A 328 10.13 -23.69 5.50
N THR A 329 11.16 -23.96 4.70
CA THR A 329 12.32 -23.03 4.74
C THR A 329 12.06 -21.72 4.02
N GLU A 330 10.94 -21.64 3.33
CA GLU A 330 10.55 -20.42 2.63
C GLU A 330 10.38 -19.32 3.66
N GLY A 331 11.20 -18.30 3.53
CA GLY A 331 11.02 -17.06 4.30
C GLY A 331 11.49 -17.16 5.72
N ILE A 332 12.46 -18.03 5.96
CA ILE A 332 13.11 -18.11 7.25
C ILE A 332 14.61 -17.98 7.01
N PHE A 333 15.36 -17.36 7.91
CA PHE A 333 16.80 -17.19 7.67
C PHE A 333 17.53 -18.53 7.46
N ASP A 334 18.49 -18.57 6.54
CA ASP A 334 19.13 -19.86 6.20
C ASP A 334 20.54 -19.93 6.76
N PRO A 335 20.80 -20.87 7.70
CA PRO A 335 22.17 -20.94 8.25
C PRO A 335 23.26 -21.49 7.30
N ASN A 336 22.89 -22.16 6.20
CA ASN A 336 23.86 -22.67 5.21
C ASN A 336 24.34 -21.60 4.25
N ASN A 337 23.60 -20.50 4.16
CA ASN A 337 24.03 -19.36 3.37
C ASN A 337 23.95 -18.07 4.20
N ALA A 338 24.45 -18.15 5.43
CA ALA A 338 24.39 -17.05 6.38
C ALA A 338 24.98 -15.76 5.80
N GLY A 339 24.40 -14.63 6.17
CA GLY A 339 24.93 -13.35 5.75
C GLY A 339 23.93 -12.57 4.91
N PHE A 340 24.29 -11.34 4.61
CA PHE A 340 23.42 -10.44 3.87
C PHE A 340 23.66 -10.60 2.37
N TYR A 341 22.62 -10.36 1.61
CA TYR A 341 22.69 -10.07 0.17
C TYR A 341 21.94 -8.79 -0.14
N THR A 342 22.16 -8.24 -1.34
CA THR A 342 21.46 -7.01 -1.72
C THR A 342 20.75 -7.12 -3.06
N ALA A 343 19.43 -6.97 -3.05
CA ALA A 343 18.67 -6.77 -4.26
C ALA A 343 18.61 -5.28 -4.56
N THR A 344 18.70 -4.96 -5.84
CA THR A 344 18.71 -3.59 -6.28
C THR A 344 17.62 -3.35 -7.31
N LEU A 345 16.94 -2.25 -7.14
CA LEU A 345 15.87 -1.87 -8.02
C LEU A 345 16.25 -0.50 -8.55
N ARG A 346 16.32 -0.44 -9.85
CA ARG A 346 16.50 0.84 -10.54
C ARG A 346 15.20 1.06 -11.30
N ASP A 347 14.54 2.15 -10.96
CA ASP A 347 13.27 2.44 -11.58
C ASP A 347 13.30 3.84 -12.16
N LEU A 348 12.93 3.92 -13.43
CA LEU A 348 13.11 5.11 -14.21
C LEU A 348 11.78 5.56 -14.76
N THR A 349 11.40 6.81 -14.49
CA THR A 349 10.08 7.27 -14.92
C THR A 349 10.14 8.61 -15.58
N ALA A 350 9.62 8.67 -16.82
CA ALA A 350 9.49 9.93 -17.60
C ALA A 350 8.03 10.19 -18.00
N HIS A 351 7.64 11.46 -17.97
CA HIS A 351 6.23 11.81 -18.07
C HIS A 351 6.09 13.22 -18.67
N GLY A 352 5.18 13.36 -19.63
CA GLY A 352 4.91 14.64 -20.24
C GLY A 352 3.43 14.81 -20.39
N GLU A 353 2.96 16.04 -20.23
CA GLU A 353 1.58 16.33 -20.55
C GLU A 353 1.33 17.79 -20.82
N VAL A 354 0.37 18.04 -21.71
CA VAL A 354 -0.07 19.39 -22.02
C VAL A 354 -1.57 19.47 -21.74
N ASN A 355 -2.00 20.61 -21.22
CA ASN A 355 -3.41 20.84 -20.97
C ASN A 355 -3.89 22.02 -21.79
N LEU A 356 -4.95 21.76 -22.57
CA LEU A 356 -5.45 22.73 -23.53
C LEU A 356 -6.94 22.99 -23.32
N PRO A 357 -7.29 24.18 -22.81
CA PRO A 357 -8.69 24.59 -22.75
C PRO A 357 -9.21 24.85 -24.14
N LEU A 358 -10.28 24.15 -24.53
CA LEU A 358 -10.93 24.35 -25.82
C LEU A 358 -12.28 25.01 -25.59
N HIS A 359 -12.55 26.09 -26.31
CA HIS A 359 -13.72 26.89 -26.04
C HIS A 359 -14.87 26.57 -27.00
N LEU A 360 -14.60 26.13 -28.22
CA LEU A 360 -15.69 26.04 -29.17
C LEU A 360 -16.43 24.69 -29.12
N GLY A 361 -17.76 24.78 -29.12
CA GLY A 361 -18.67 23.64 -29.10
C GLY A 361 -19.20 23.52 -27.70
N TYR A 362 -18.42 22.83 -26.89
CA TYR A 362 -18.58 22.87 -25.45
C TYR A 362 -17.34 23.45 -24.80
N GLU A 363 -17.50 24.03 -23.63
CA GLU A 363 -16.33 24.35 -22.87
C GLU A 363 -15.73 23.01 -22.50
N GLN A 364 -14.46 22.81 -22.83
CA GLN A 364 -13.81 21.58 -22.46
C GLN A 364 -12.32 21.80 -22.34
N THR A 365 -11.66 20.88 -21.64
CA THR A 365 -10.23 20.95 -21.45
C THR A 365 -9.64 19.59 -21.79
N LEU A 366 -8.80 19.60 -22.83
CA LEU A 366 -8.22 18.42 -23.37
C LEU A 366 -6.82 18.24 -22.78
N THR A 367 -6.46 17.00 -22.50
CA THR A 367 -5.17 16.72 -21.94
C THR A 367 -4.50 15.63 -22.77
N LEU A 368 -3.30 15.91 -23.25
CA LEU A 368 -2.48 14.92 -23.93
C LEU A 368 -1.20 14.70 -23.16
N GLY A 369 -0.76 13.45 -23.16
CA GLY A 369 0.41 13.05 -22.43
C GLY A 369 0.92 11.68 -22.87
N SER A 370 2.20 11.47 -22.61
CA SER A 370 2.80 10.15 -22.65
C SER A 370 3.56 9.90 -21.36
N GLU A 371 3.82 8.61 -21.13
CA GLU A 371 4.66 8.17 -20.02
C GLU A 371 5.58 7.01 -20.42
N TRP A 372 6.80 7.00 -19.91
CA TRP A 372 7.64 5.81 -20.08
C TRP A 372 8.28 5.40 -18.74
N THR A 373 8.20 4.10 -18.43
CA THR A 373 8.80 3.57 -17.21
C THR A 373 9.66 2.35 -17.51
N GLU A 374 10.79 2.25 -16.81
CA GLU A 374 11.61 1.05 -16.82
C GLU A 374 11.91 0.63 -15.38
N GLN A 375 11.68 -0.65 -15.12
CA GLN A 375 12.01 -1.27 -13.85
C GLN A 375 13.14 -2.29 -14.09
N LYS A 376 14.34 -2.03 -13.59
CA LYS A 376 15.39 -3.07 -13.63
C LYS A 376 15.54 -3.62 -12.22
N LEU A 377 15.50 -4.95 -12.09
CA LEU A 377 15.64 -5.57 -10.76
C LEU A 377 16.75 -6.58 -10.73
N ASP A 378 17.76 -6.29 -9.91
CA ASP A 378 18.83 -7.22 -9.66
C ASP A 378 18.69 -7.90 -8.29
N ASP A 379 18.51 -9.21 -8.27
CA ASP A 379 18.28 -9.90 -7.00
C ASP A 379 19.04 -11.23 -6.91
N PRO A 380 20.17 -11.28 -6.18
CA PRO A 380 21.05 -12.44 -6.26
C PRO A 380 20.70 -13.63 -5.39
N SER A 381 19.44 -13.71 -4.95
CA SER A 381 19.07 -14.62 -3.89
C SER A 381 17.85 -15.45 -4.26
N SER A 382 16.89 -14.81 -4.90
CA SER A 382 15.60 -15.39 -5.19
C SER A 382 15.59 -16.43 -6.31
N ASN A 383 16.65 -16.50 -7.11
CA ASN A 383 16.60 -17.40 -8.23
C ASN A 383 17.52 -18.60 -8.01
N THR A 384 17.72 -19.02 -6.76
CA THR A 384 18.84 -19.88 -6.46
C THR A 384 18.45 -21.25 -5.99
N GLN A 385 17.17 -21.47 -5.74
CA GLN A 385 16.65 -22.82 -5.54
C GLN A 385 17.20 -23.75 -6.59
N ASN A 386 17.67 -24.91 -6.14
CA ASN A 386 18.21 -25.87 -7.05
C ASN A 386 17.26 -27.05 -7.14
N THR A 387 17.51 -27.94 -8.08
CA THR A 387 16.49 -28.84 -8.55
C THR A 387 16.81 -30.27 -8.18
N GLU A 388 17.78 -30.43 -7.28
CA GLU A 388 18.41 -31.74 -7.08
C GLU A 388 17.49 -32.74 -6.41
N GLU A 389 16.57 -32.25 -5.59
CA GLU A 389 15.65 -33.10 -4.88
C GLU A 389 14.39 -33.39 -5.72
N GLY A 390 13.90 -32.41 -6.46
CA GLY A 390 12.62 -32.58 -7.15
C GLY A 390 12.75 -32.99 -8.60
N GLY A 391 14.00 -33.00 -9.09
CA GLY A 391 14.33 -33.39 -10.46
C GLY A 391 14.38 -32.12 -11.32
N SER A 392 15.29 -32.08 -12.29
CA SER A 392 15.44 -30.90 -13.12
C SER A 392 14.22 -30.63 -13.99
N ILE A 393 14.14 -29.38 -14.44
CA ILE A 393 13.00 -28.86 -15.19
C ILE A 393 13.48 -28.40 -16.55
N PRO A 394 13.06 -29.10 -17.61
CA PRO A 394 13.62 -28.77 -18.91
C PRO A 394 13.52 -27.27 -19.20
N GLY A 395 14.65 -26.68 -19.60
CA GLY A 395 14.72 -25.24 -19.86
C GLY A 395 15.10 -24.38 -18.66
N LEU A 396 15.38 -24.99 -17.53
CA LEU A 396 15.78 -24.22 -16.37
C LEU A 396 17.09 -24.72 -15.80
N ALA A 397 18.14 -23.89 -15.87
CA ALA A 397 19.40 -24.25 -15.27
C ALA A 397 19.25 -24.35 -13.75
N GLY A 398 19.89 -25.37 -13.17
CA GLY A 398 19.83 -25.58 -11.71
C GLY A 398 20.69 -24.64 -10.86
N LYS A 399 21.78 -24.13 -11.43
CA LYS A 399 22.66 -23.18 -10.77
C LYS A 399 23.06 -22.02 -11.67
N ASN A 400 23.41 -20.91 -11.03
CA ASN A 400 23.87 -19.69 -11.70
C ASN A 400 22.89 -19.09 -12.68
N ARG A 401 21.61 -19.18 -12.37
CA ARG A 401 20.63 -18.50 -13.20
C ARG A 401 20.83 -17.01 -13.03
N SER A 402 20.24 -16.23 -13.93
CA SER A 402 20.44 -14.80 -13.86
C SER A 402 19.75 -14.21 -12.64
N SER A 403 20.32 -13.16 -12.08
CA SER A 403 19.61 -12.29 -11.12
C SER A 403 18.61 -11.34 -11.81
N SER A 404 18.79 -11.06 -13.09
CA SER A 404 18.17 -9.86 -13.63
C SER A 404 16.80 -10.03 -14.23
N SER A 405 15.91 -9.08 -13.94
CA SER A 405 14.63 -8.90 -14.61
C SER A 405 14.50 -7.45 -15.05
N SER A 406 13.59 -7.22 -15.98
CA SER A 406 13.19 -5.85 -16.28
C SER A 406 11.92 -5.88 -17.08
N ALA A 407 11.22 -4.76 -17.09
CA ALA A 407 10.10 -4.57 -17.97
C ALA A 407 9.99 -3.09 -18.26
N ARG A 408 9.57 -2.78 -19.47
CA ARG A 408 9.48 -1.39 -19.86
C ARG A 408 8.02 -1.13 -20.24
N ILE A 409 7.43 -0.04 -19.77
CA ILE A 409 6.11 0.32 -20.27
C ILE A 409 6.11 1.70 -20.91
N PHE A 410 5.62 1.76 -22.14
CA PHE A 410 5.33 3.02 -22.82
C PHE A 410 3.83 3.27 -22.85
N SER A 411 3.41 4.52 -22.68
CA SER A 411 2.03 4.86 -22.53
C SER A 411 1.72 6.22 -23.19
N LEU A 412 0.60 6.27 -23.91
CA LEU A 412 0.04 7.50 -24.44
C LEU A 412 -1.38 7.65 -23.91
N PHE A 413 -1.80 8.91 -23.68
CA PHE A 413 -3.15 9.13 -23.17
C PHE A 413 -3.74 10.49 -23.54
N ALA A 414 -5.06 10.54 -23.47
CA ALA A 414 -5.85 11.73 -23.75
C ALA A 414 -7.10 11.66 -22.88
N GLU A 415 -7.32 12.68 -22.05
CA GLU A 415 -8.54 12.79 -21.25
C GLU A 415 -9.14 14.13 -21.66
N ASP A 416 -10.46 14.22 -21.65
CA ASP A 416 -11.15 15.44 -22.00
C ASP A 416 -12.32 15.65 -21.05
N ASN A 417 -12.31 16.82 -20.42
CA ASN A 417 -13.29 17.16 -19.42
C ASN A 417 -14.23 18.17 -20.03
N ILE A 418 -15.43 17.69 -20.33
CA ILE A 418 -16.42 18.43 -21.10
C ILE A 418 -17.58 18.95 -20.21
N GLU A 419 -17.71 20.28 -20.14
CA GLU A 419 -18.89 20.91 -19.55
C GLU A 419 -20.04 20.78 -20.54
N LEU A 420 -20.91 19.82 -20.26
CA LEU A 420 -22.04 19.53 -21.12
C LEU A 420 -23.14 20.58 -20.96
N MET A 421 -23.48 20.90 -19.72
CA MET A 421 -24.15 22.17 -19.37
C MET A 421 -23.71 22.48 -17.93
N PRO A 422 -23.89 23.73 -17.46
CA PRO A 422 -23.38 23.94 -16.10
C PRO A 422 -24.06 23.01 -15.08
N GLY A 423 -23.30 22.52 -14.11
CA GLY A 423 -23.72 21.42 -13.25
C GLY A 423 -23.16 20.10 -13.74
N THR A 424 -23.43 19.81 -15.01
CA THR A 424 -23.13 18.51 -15.62
C THR A 424 -21.74 18.42 -16.31
N MET A 425 -20.92 17.46 -15.86
CA MET A 425 -19.59 17.24 -16.43
C MET A 425 -19.39 15.81 -16.94
N LEU A 426 -18.83 15.69 -18.13
CA LEU A 426 -18.51 14.38 -18.67
C LEU A 426 -17.04 14.29 -19.01
N THR A 427 -16.35 13.27 -18.52
CA THR A 427 -14.92 13.22 -18.66
C THR A 427 -14.48 11.85 -19.14
N PRO A 428 -14.42 11.68 -20.47
CA PRO A 428 -13.86 10.50 -21.14
C PRO A 428 -12.34 10.57 -21.31
N GLY A 429 -11.72 9.41 -21.12
CA GLY A 429 -10.32 9.24 -21.38
C GLY A 429 -9.97 7.92 -22.05
N LEU A 430 -8.81 7.89 -22.72
CA LEU A 430 -8.25 6.65 -23.17
C LEU A 430 -6.76 6.66 -22.89
N ARG A 431 -6.31 5.59 -22.26
CA ARG A 431 -4.88 5.33 -22.12
C ARG A 431 -4.51 4.05 -22.85
N TRP A 432 -3.42 4.12 -23.60
CA TRP A 432 -2.80 2.94 -24.18
C TRP A 432 -1.43 2.74 -23.60
N ASP A 433 -1.14 1.49 -23.24
CA ASP A 433 0.06 1.10 -22.50
C ASP A 433 0.75 -0.01 -23.30
N HIS A 434 2.04 0.10 -23.57
CA HIS A 434 2.76 -0.97 -24.24
C HIS A 434 3.82 -1.51 -23.30
N HIS A 435 3.61 -2.75 -22.89
CA HIS A 435 4.54 -3.47 -22.02
C HIS A 435 5.41 -4.32 -22.92
N ASP A 436 6.71 -4.21 -22.77
CA ASP A 436 7.59 -4.89 -23.71
C ASP A 436 7.60 -6.41 -23.66
N ILE A 437 7.05 -7.04 -22.64
CA ILE A 437 6.94 -8.49 -22.64
C ILE A 437 5.54 -9.04 -22.83
N VAL A 438 4.56 -8.29 -22.33
CA VAL A 438 3.20 -8.72 -22.19
C VAL A 438 2.33 -8.18 -23.31
N GLY A 439 2.65 -6.97 -23.79
CA GLY A 439 2.05 -6.44 -24.97
C GLY A 439 1.19 -5.24 -24.71
N ASP A 440 0.20 -5.02 -25.54
CA ASP A 440 -0.53 -3.78 -25.57
C ASP A 440 -1.68 -3.91 -24.59
N ASN A 441 -1.96 -2.82 -23.88
CA ASN A 441 -3.18 -2.70 -23.12
C ASN A 441 -3.96 -1.42 -23.47
N TRP A 442 -5.27 -1.53 -23.52
CA TRP A 442 -6.16 -0.39 -23.71
C TRP A 442 -7.04 -0.20 -22.45
N SER A 443 -6.81 0.93 -21.78
CA SER A 443 -7.62 1.34 -20.62
C SER A 443 -8.45 2.58 -20.96
N PRO A 444 -9.70 2.37 -21.44
CA PRO A 444 -10.71 3.44 -21.54
C PRO A 444 -11.36 3.75 -20.20
N SER A 445 -11.86 4.98 -20.04
CA SER A 445 -12.56 5.39 -18.82
C SER A 445 -13.65 6.43 -19.09
N LEU A 446 -14.74 6.41 -18.31
CA LEU A 446 -15.74 7.46 -18.38
C LEU A 446 -16.18 7.95 -17.02
N ASN A 447 -15.97 9.24 -16.73
CA ASN A 447 -16.36 9.75 -15.41
C ASN A 447 -17.35 10.94 -15.48
N LEU A 448 -18.51 10.73 -14.87
CA LEU A 448 -19.65 11.63 -14.99
C LEU A 448 -20.03 12.18 -13.62
N SER A 449 -20.24 13.50 -13.57
CA SER A 449 -20.92 14.18 -12.45
C SER A 449 -22.05 15.07 -12.99
N HIS A 450 -23.22 15.02 -12.34
CA HIS A 450 -24.39 15.81 -12.72
C HIS A 450 -25.00 16.37 -11.44
N ALA A 451 -25.48 17.61 -11.50
CA ALA A 451 -26.04 18.30 -10.36
C ALA A 451 -27.56 18.31 -10.48
N LEU A 452 -28.20 17.71 -9.48
CA LEU A 452 -29.63 17.65 -9.35
C LEU A 452 -30.17 18.78 -8.52
N THR A 453 -29.35 19.38 -7.67
CA THR A 453 -29.74 20.54 -6.93
C THR A 453 -28.51 21.31 -6.54
N GLU A 454 -28.73 22.51 -6.03
CA GLU A 454 -27.63 23.20 -5.34
C GLU A 454 -27.01 22.30 -4.28
N ARG A 455 -27.79 21.31 -3.82
CA ARG A 455 -27.40 20.41 -2.75
C ARG A 455 -27.08 18.97 -3.14
N VAL A 456 -27.51 18.48 -4.29
CA VAL A 456 -27.38 17.05 -4.50
C VAL A 456 -26.70 16.79 -5.81
N THR A 457 -25.82 15.80 -5.81
CA THR A 457 -24.95 15.51 -6.93
C THR A 457 -24.90 14.01 -7.14
N LEU A 458 -25.22 13.58 -8.36
CA LEU A 458 -25.16 12.20 -8.79
C LEU A 458 -23.84 11.96 -9.53
N LYS A 459 -23.18 10.86 -9.26
CA LYS A 459 -21.92 10.62 -9.94
C LYS A 459 -21.76 9.17 -10.30
N ALA A 460 -21.14 8.93 -11.45
CA ALA A 460 -20.94 7.58 -11.94
C ALA A 460 -19.61 7.48 -12.67
N GLY A 461 -19.09 6.25 -12.69
CA GLY A 461 -17.78 5.99 -13.27
C GLY A 461 -17.69 4.54 -13.71
N ILE A 462 -17.06 4.32 -14.87
CA ILE A 462 -16.67 3.00 -15.30
C ILE A 462 -15.30 3.13 -15.97
N ALA A 463 -14.35 2.38 -15.46
CA ALA A 463 -13.06 2.27 -16.16
C ALA A 463 -12.55 0.84 -16.16
N ARG A 464 -11.58 0.58 -17.05
CA ARG A 464 -10.81 -0.66 -17.08
C ARG A 464 -9.38 -0.31 -16.61
N ALA A 465 -9.02 -0.80 -15.43
CA ALA A 465 -7.72 -0.51 -14.82
C ALA A 465 -6.73 -1.60 -15.22
N TYR A 466 -5.44 -1.35 -15.00
CA TYR A 466 -4.41 -2.16 -15.60
C TYR A 466 -3.42 -2.59 -14.53
N LYS A 467 -3.02 -3.86 -14.50
CA LYS A 467 -1.83 -4.24 -13.73
C LYS A 467 -0.87 -5.19 -14.44
N ALA A 468 0.35 -4.72 -14.67
CA ALA A 468 1.37 -5.58 -15.27
C ALA A 468 1.78 -6.59 -14.23
N PRO A 469 2.06 -7.83 -14.65
CA PRO A 469 2.68 -8.78 -13.72
C PRO A 469 3.94 -8.18 -13.09
N ASN A 470 4.16 -8.44 -11.81
CA ASN A 470 5.43 -8.03 -11.16
C ASN A 470 6.56 -8.93 -11.63
N LEU A 471 7.79 -8.47 -11.42
CA LEU A 471 8.95 -9.13 -12.01
C LEU A 471 9.24 -10.50 -11.46
N TYR A 472 8.69 -10.81 -10.29
CA TYR A 472 8.81 -12.17 -9.78
C TYR A 472 7.85 -13.12 -10.49
N GLN A 473 6.60 -12.72 -10.65
CA GLN A 473 5.62 -13.58 -11.32
C GLN A 473 6.09 -13.89 -12.73
N LEU A 474 6.73 -12.92 -13.36
CA LEU A 474 6.96 -12.94 -14.79
C LEU A 474 8.19 -13.72 -15.19
N ASN A 475 9.06 -13.99 -14.20
CA ASN A 475 10.38 -14.59 -14.45
C ASN A 475 10.28 -16.11 -14.34
N PRO A 476 10.70 -16.79 -15.39
CA PRO A 476 10.79 -18.25 -15.41
C PRO A 476 11.94 -18.82 -14.59
N ASP A 477 12.96 -18.00 -14.27
CA ASP A 477 14.04 -18.45 -13.39
C ASP A 477 13.66 -18.38 -11.89
N TYR A 478 12.47 -17.87 -11.59
CA TYR A 478 12.07 -17.73 -10.17
C TYR A 478 11.26 -18.92 -9.76
N LEU A 479 11.74 -19.63 -8.74
CA LEU A 479 11.40 -21.02 -8.53
C LEU A 479 11.33 -21.33 -7.05
N LEU A 480 10.16 -21.77 -6.61
CA LEU A 480 9.90 -22.20 -5.27
C LEU A 480 9.63 -23.68 -5.28
N TYR A 481 9.79 -24.33 -4.13
CA TYR A 481 9.68 -25.77 -4.02
C TYR A 481 8.98 -26.16 -2.71
N SER A 482 8.21 -27.23 -2.78
CA SER A 482 7.67 -27.82 -1.58
C SER A 482 7.60 -29.30 -1.76
N ARG A 483 7.75 -30.02 -0.66
CA ARG A 483 7.68 -31.46 -0.68
C ARG A 483 6.25 -31.99 -0.65
N GLY A 484 5.26 -31.10 -0.62
CA GLY A 484 3.88 -31.53 -0.62
C GLY A 484 2.92 -30.68 0.17
N GLN A 485 3.41 -30.07 1.25
CA GLN A 485 2.51 -29.38 2.15
C GLN A 485 1.93 -28.09 1.55
N GLY A 486 2.66 -27.48 0.60
CA GLY A 486 2.15 -26.33 -0.14
C GLY A 486 1.53 -26.63 -1.51
N CYS A 487 1.59 -27.88 -1.96
CA CYS A 487 1.21 -28.25 -3.32
C CYS A 487 -0.28 -28.39 -3.49
N TYR A 488 -0.82 -27.74 -4.53
CA TYR A 488 -2.26 -27.76 -4.76
C TYR A 488 -2.68 -29.11 -5.30
N GLY A 489 -3.60 -29.76 -4.58
CA GLY A 489 -4.32 -30.93 -5.08
C GLY A 489 -3.60 -32.24 -4.88
N GLN A 490 -2.64 -32.25 -3.96
CA GLN A 490 -1.75 -33.41 -3.75
C GLN A 490 -0.82 -33.22 -2.51
N SER A 491 -0.23 -34.31 -2.02
CA SER A 491 0.88 -34.20 -1.08
C SER A 491 2.25 -34.49 -1.67
N THR A 492 2.34 -34.74 -2.98
CA THR A 492 3.63 -34.95 -3.65
C THR A 492 4.44 -33.67 -3.62
N SER A 493 5.76 -33.76 -3.80
CA SER A 493 6.58 -32.57 -4.08
C SER A 493 6.05 -31.81 -5.29
N CYS A 494 6.18 -30.49 -5.22
CA CYS A 494 5.88 -29.64 -6.34
C CYS A 494 6.81 -28.42 -6.42
N TYR A 495 6.82 -27.86 -7.61
CA TYR A 495 7.59 -26.65 -7.88
C TYR A 495 6.62 -25.56 -8.29
N LEU A 496 6.97 -24.32 -7.99
CA LEU A 496 6.25 -23.16 -8.47
C LEU A 496 7.19 -22.34 -9.32
N ARG A 497 6.75 -21.96 -10.50
CA ARG A 497 7.65 -21.33 -11.41
C ARG A 497 7.05 -20.11 -12.08
N GLY A 498 7.85 -19.08 -12.26
CA GLY A 498 7.34 -17.91 -12.96
C GLY A 498 6.93 -18.25 -14.39
N ASN A 499 6.28 -17.29 -15.02
CA ASN A 499 5.69 -17.48 -16.31
C ASN A 499 5.75 -16.19 -17.08
N ASP A 500 6.41 -16.16 -18.22
CA ASP A 500 6.45 -14.92 -18.98
C ASP A 500 5.32 -14.84 -20.02
N GLY A 501 4.50 -15.89 -20.11
CA GLY A 501 3.35 -15.90 -20.99
C GLY A 501 2.11 -15.32 -20.33
N LEU A 502 2.26 -14.75 -19.15
CA LEU A 502 1.13 -14.23 -18.40
C LEU A 502 0.54 -13.00 -19.07
N LYS A 503 -0.78 -12.88 -18.94
CA LYS A 503 -1.48 -11.68 -19.31
C LYS A 503 -1.46 -10.70 -18.12
N ALA A 504 -1.54 -9.41 -18.42
CA ALA A 504 -1.80 -8.41 -17.41
C ALA A 504 -3.15 -8.67 -16.71
N GLU A 505 -3.27 -8.18 -15.48
CA GLU A 505 -4.56 -8.16 -14.79
C GLU A 505 -5.24 -6.91 -15.25
N THR A 506 -6.51 -7.02 -15.55
CA THR A 506 -7.36 -5.88 -15.82
C THR A 506 -8.61 -6.00 -14.93
N SER A 507 -9.30 -4.89 -14.77
CA SER A 507 -10.42 -4.82 -13.85
C SER A 507 -11.32 -3.67 -14.26
N VAL A 508 -12.61 -4.01 -14.44
CA VAL A 508 -13.58 -3.02 -14.81
C VAL A 508 -14.22 -2.50 -13.52
N ASN A 509 -13.68 -1.38 -13.04
CA ASN A 509 -14.12 -0.78 -11.80
C ASN A 509 -15.33 0.13 -12.07
N LYS A 510 -16.52 -0.35 -11.69
CA LYS A 510 -17.75 0.48 -11.74
C LYS A 510 -17.98 1.14 -10.37
N GLU A 511 -18.56 2.36 -10.41
CA GLU A 511 -19.07 3.05 -9.21
C GLU A 511 -20.29 3.95 -9.52
N LEU A 512 -21.31 3.82 -8.67
CA LEU A 512 -22.49 4.70 -8.71
C LEU A 512 -22.67 5.33 -7.34
N GLY A 513 -22.68 6.66 -7.27
CA GLY A 513 -22.65 7.33 -5.97
C GLY A 513 -23.50 8.60 -5.93
N ILE A 514 -24.03 8.93 -4.75
CA ILE A 514 -24.85 10.13 -4.59
C ILE A 514 -24.54 10.92 -3.28
N GLU A 515 -24.53 12.25 -3.39
CA GLU A 515 -24.06 13.08 -2.27
C GLU A 515 -24.90 14.37 -2.09
N TYR A 516 -25.37 14.58 -0.87
CA TYR A 516 -25.97 15.84 -0.42
C TYR A 516 -24.86 16.65 0.23
N SER A 517 -24.79 17.92 -0.12
CA SER A 517 -23.75 18.79 0.43
C SER A 517 -24.22 20.23 0.56
N HIS A 518 -24.19 20.77 1.77
CA HIS A 518 -24.78 22.05 2.04
C HIS A 518 -24.41 22.54 3.43
N ASP A 519 -23.87 23.76 3.50
CA ASP A 519 -23.54 24.46 4.75
C ASP A 519 -22.77 23.58 5.73
N GLY A 520 -21.65 23.02 5.28
CA GLY A 520 -20.87 22.10 6.11
C GLY A 520 -21.53 20.79 6.44
N LEU A 521 -22.69 20.53 5.83
CA LEU A 521 -23.41 19.31 6.09
C LEU A 521 -23.33 18.41 4.87
N VAL A 522 -22.74 17.24 5.07
CA VAL A 522 -22.45 16.34 3.96
C VAL A 522 -22.96 14.94 4.27
N ALA A 523 -23.64 14.35 3.29
CA ALA A 523 -24.22 13.00 3.43
C ALA A 523 -24.17 12.30 2.07
N GLY A 524 -23.42 11.20 1.98
CA GLY A 524 -23.22 10.53 0.70
C GLY A 524 -23.00 9.03 0.85
N LEU A 525 -23.29 8.31 -0.23
CA LEU A 525 -23.21 6.85 -0.22
C LEU A 525 -22.91 6.38 -1.64
N THR A 526 -21.91 5.53 -1.74
CA THR A 526 -21.45 5.03 -3.02
C THR A 526 -21.49 3.50 -3.01
N TYR A 527 -21.95 2.93 -4.12
CA TYR A 527 -21.80 1.53 -4.44
C TYR A 527 -20.66 1.38 -5.43
N PHE A 528 -19.81 0.36 -5.23
CA PHE A 528 -18.76 0.06 -6.19
C PHE A 528 -18.72 -1.44 -6.49
N ARG A 529 -18.40 -1.74 -7.75
CA ARG A 529 -18.17 -3.12 -8.16
C ARG A 529 -16.98 -3.13 -9.10
N ASN A 530 -16.00 -3.95 -8.78
CA ASN A 530 -14.83 -4.14 -9.64
C ASN A 530 -14.86 -5.57 -10.14
N ASP A 531 -14.97 -5.73 -11.45
CA ASP A 531 -14.86 -7.06 -12.06
C ASP A 531 -13.45 -7.34 -12.56
N TYR A 532 -12.80 -8.32 -11.92
CA TYR A 532 -11.37 -8.43 -11.83
C TYR A 532 -10.98 -9.61 -12.74
N LYS A 533 -10.56 -9.25 -13.97
CA LYS A 533 -10.07 -10.24 -14.94
C LYS A 533 -8.59 -10.56 -14.74
N ASN A 534 -8.26 -11.85 -14.70
CA ASN A 534 -6.88 -12.34 -14.78
C ASN A 534 -5.99 -11.99 -13.58
N LYS A 535 -6.55 -12.07 -12.38
CA LYS A 535 -5.72 -11.80 -11.22
C LYS A 535 -4.62 -12.86 -11.21
N ILE A 536 -3.38 -12.43 -10.99
CA ILE A 536 -2.26 -13.37 -10.97
C ILE A 536 -2.12 -14.06 -9.61
N GLU A 537 -1.98 -15.39 -9.63
CA GLU A 537 -1.99 -16.17 -8.42
C GLU A 537 -1.22 -17.46 -8.66
N SER A 538 -0.89 -18.21 -7.62
CA SER A 538 -0.20 -19.47 -7.85
C SER A 538 -1.17 -20.42 -8.53
N GLY A 539 -0.70 -21.16 -9.53
CA GLY A 539 -1.57 -22.04 -10.27
C GLY A 539 -2.14 -23.21 -9.50
N LEU A 540 -3.13 -23.88 -10.08
CA LEU A 540 -3.88 -24.94 -9.39
C LEU A 540 -3.65 -26.34 -9.98
N SER A 541 -3.32 -26.40 -11.27
CA SER A 541 -2.96 -27.64 -11.96
C SER A 541 -1.46 -27.66 -12.31
N PRO A 542 -0.83 -28.84 -12.22
CA PRO A 542 0.51 -28.92 -12.74
C PRO A 542 0.46 -28.77 -14.26
N VAL A 543 1.39 -28.00 -14.83
CA VAL A 543 1.50 -27.93 -16.28
C VAL A 543 2.44 -29.00 -16.87
N ASP A 544 3.24 -29.63 -16.02
CA ASP A 544 4.31 -30.51 -16.47
C ASP A 544 4.81 -31.33 -15.26
N HIS A 545 5.83 -32.14 -15.46
CA HIS A 545 6.52 -32.76 -14.36
C HIS A 545 8.02 -32.74 -14.62
N ALA A 546 8.77 -32.51 -13.53
CA ALA A 546 10.24 -32.51 -13.59
C ALA A 546 10.74 -33.94 -13.58
N SER A 547 11.97 -34.20 -14.04
CA SER A 547 12.41 -35.59 -14.14
C SER A 547 13.72 -35.84 -13.39
N GLY A 548 13.72 -36.82 -12.52
CA GLY A 548 14.89 -37.05 -11.70
C GLY A 548 14.57 -36.63 -10.30
N GLY A 549 15.63 -36.63 -9.49
CA GLY A 549 15.52 -36.26 -8.10
C GLY A 549 15.81 -37.37 -7.13
N LYS A 550 15.45 -37.14 -5.87
CA LYS A 550 15.75 -38.05 -4.78
C LYS A 550 14.51 -38.68 -4.14
N GLY A 551 14.46 -40.01 -4.14
CA GLY A 551 13.50 -40.75 -3.32
C GLY A 551 12.07 -40.47 -3.71
N ASP A 552 11.22 -40.28 -2.70
CA ASP A 552 9.78 -40.07 -2.89
C ASP A 552 9.46 -38.65 -3.37
N TYR A 553 10.44 -37.76 -3.36
CA TYR A 553 10.31 -36.40 -3.89
C TYR A 553 10.69 -36.28 -5.39
N ALA A 554 11.18 -37.37 -5.98
CA ALA A 554 11.63 -37.34 -7.37
C ALA A 554 10.48 -36.92 -8.28
N ASN A 555 10.82 -36.43 -9.48
CA ASN A 555 9.80 -36.12 -10.48
C ASN A 555 8.65 -35.30 -9.92
N ALA A 556 9.00 -34.17 -9.31
CA ALA A 556 8.03 -33.32 -8.64
C ALA A 556 7.19 -32.59 -9.66
N ALA A 557 5.94 -32.29 -9.31
CA ALA A 557 5.05 -31.60 -10.24
C ALA A 557 5.59 -30.20 -10.52
N ILE A 558 5.21 -29.64 -11.67
CA ILE A 558 5.57 -28.25 -11.96
C ILE A 558 4.32 -27.43 -12.15
N TYR A 559 4.13 -26.43 -11.29
CA TYR A 559 3.06 -25.48 -11.49
C TYR A 559 3.65 -24.11 -11.88
N GLN A 560 2.86 -23.29 -12.58
CA GLN A 560 3.27 -21.89 -12.78
C GLN A 560 2.35 -20.89 -12.15
N TRP A 561 2.85 -19.66 -12.08
CA TRP A 561 2.01 -18.53 -11.76
C TRP A 561 1.00 -18.41 -12.92
N GLU A 562 -0.27 -18.36 -12.59
CA GLU A 562 -1.30 -18.35 -13.63
C GLU A 562 -2.21 -17.15 -13.51
N ASN A 563 -2.92 -16.83 -14.58
CA ASN A 563 -3.96 -15.81 -14.55
C ASN A 563 -5.29 -16.43 -14.09
N VAL A 564 -5.79 -16.04 -12.91
CA VAL A 564 -7.11 -16.49 -12.47
C VAL A 564 -8.13 -15.71 -13.30
N PRO A 565 -8.91 -16.42 -14.14
CA PRO A 565 -9.73 -15.78 -15.19
C PRO A 565 -10.63 -14.66 -14.69
N LYS A 566 -11.48 -14.94 -13.70
CA LYS A 566 -12.39 -13.93 -13.16
C LYS A 566 -12.45 -13.89 -11.64
N ALA A 567 -12.42 -12.68 -11.10
CA ALA A 567 -12.77 -12.43 -9.68
C ALA A 567 -13.57 -11.12 -9.51
N VAL A 568 -14.19 -10.95 -8.34
CA VAL A 568 -15.11 -9.84 -8.09
C VAL A 568 -14.96 -9.26 -6.68
N VAL A 569 -14.88 -7.94 -6.59
CA VAL A 569 -15.19 -7.24 -5.35
C VAL A 569 -16.25 -6.18 -5.50
N GLU A 570 -16.87 -5.89 -4.37
CA GLU A 570 -18.12 -5.20 -4.34
C GLU A 570 -18.29 -4.67 -2.93
N GLY A 571 -18.83 -3.47 -2.82
CA GLY A 571 -19.10 -2.92 -1.50
C GLY A 571 -19.77 -1.56 -1.51
N LEU A 572 -19.85 -0.97 -0.32
CA LEU A 572 -20.44 0.34 -0.12
C LEU A 572 -19.45 1.28 0.57
N GLU A 573 -19.38 2.50 0.09
CA GLU A 573 -18.67 3.54 0.79
C GLU A 573 -19.75 4.50 1.17
N GLY A 574 -19.68 5.01 2.38
CA GLY A 574 -20.61 6.04 2.83
C GLY A 574 -19.93 7.05 3.72
N THR A 575 -20.50 8.23 3.80
CA THR A 575 -19.93 9.23 4.66
C THR A 575 -21.01 10.16 5.15
N LEU A 576 -20.92 10.62 6.40
CA LEU A 576 -21.94 11.50 6.98
C LEU A 576 -21.34 12.55 7.92
N THR A 577 -21.51 13.83 7.59
CA THR A 577 -20.89 14.90 8.36
C THR A 577 -21.94 15.92 8.77
N LEU A 578 -22.08 16.14 10.08
CA LEU A 578 -23.04 17.09 10.58
C LEU A 578 -22.36 18.07 11.50
N PRO A 579 -22.63 19.37 11.31
CA PRO A 579 -22.21 20.40 12.25
C PRO A 579 -23.23 20.57 13.38
N LEU A 580 -22.91 19.99 14.52
CA LEU A 580 -23.81 20.04 15.67
C LEU A 580 -23.98 21.48 16.12
N ALA A 581 -22.88 22.23 16.18
CA ALA A 581 -22.91 23.64 16.50
C ALA A 581 -21.78 24.32 15.75
N ASP A 582 -21.54 25.58 16.08
CA ASP A 582 -20.51 26.37 15.40
C ASP A 582 -19.17 25.69 15.55
N GLY A 583 -18.84 25.42 16.81
CA GLY A 583 -17.54 24.87 17.12
C GLY A 583 -17.47 23.37 17.26
N LEU A 584 -18.37 22.67 16.58
CA LEU A 584 -18.55 21.24 16.88
C LEU A 584 -18.96 20.43 15.66
N LYS A 585 -18.15 19.45 15.28
CA LYS A 585 -18.35 18.73 14.04
C LYS A 585 -18.32 17.22 14.28
N TRP A 586 -19.35 16.53 13.79
CA TRP A 586 -19.36 15.07 13.88
C TRP A 586 -19.22 14.49 12.47
N SER A 587 -18.20 13.67 12.28
CA SER A 587 -17.80 13.10 10.99
C SER A 587 -17.82 11.59 11.02
N ASN A 588 -18.15 10.97 9.89
CA ASN A 588 -18.10 9.52 9.79
C ASN A 588 -17.76 9.13 8.40
N ASN A 589 -16.91 8.11 8.29
CA ASN A 589 -16.52 7.48 7.04
C ASN A 589 -16.96 6.03 7.18
N LEU A 590 -17.58 5.48 6.15
CA LEU A 590 -18.07 4.11 6.27
C LEU A 590 -17.65 3.20 5.10
N THR A 591 -17.10 2.04 5.43
CA THR A 591 -16.77 1.05 4.42
C THR A 591 -17.55 -0.21 4.70
N TYR A 592 -18.22 -0.78 3.72
CA TYR A 592 -18.88 -2.07 3.92
C TYR A 592 -18.62 -3.00 2.74
N MET A 593 -17.95 -4.12 3.04
CA MET A 593 -17.50 -5.07 2.01
C MET A 593 -18.55 -6.14 1.73
N LEU A 594 -19.18 -6.06 0.56
CA LEU A 594 -20.25 -6.99 0.23
C LEU A 594 -19.71 -8.32 -0.23
N GLN A 595 -18.68 -8.27 -1.08
CA GLN A 595 -18.21 -9.45 -1.79
C GLN A 595 -16.71 -9.36 -2.05
N SER A 596 -16.02 -10.50 -1.99
CA SER A 596 -14.63 -10.60 -2.41
C SER A 596 -14.30 -12.05 -2.79
N LYS A 597 -14.30 -12.37 -4.08
CA LYS A 597 -14.36 -13.74 -4.51
C LYS A 597 -13.48 -14.03 -5.72
N ASN A 598 -12.53 -14.94 -5.52
CA ASN A 598 -11.96 -15.74 -6.61
C ASN A 598 -13.06 -16.67 -7.16
N LYS A 599 -13.52 -16.39 -8.38
CA LYS A 599 -14.68 -17.10 -8.93
C LYS A 599 -14.31 -18.49 -9.44
N GLU A 600 -13.02 -18.75 -9.54
CA GLU A 600 -12.52 -20.09 -9.80
C GLU A 600 -12.53 -21.03 -8.59
N THR A 601 -12.11 -20.57 -7.41
CA THR A 601 -12.04 -21.40 -6.22
C THR A 601 -13.11 -21.05 -5.19
N GLY A 602 -13.85 -19.97 -5.42
CA GLY A 602 -14.88 -19.52 -4.48
C GLY A 602 -14.32 -19.00 -3.18
N ASP A 603 -13.01 -19.08 -3.02
CA ASP A 603 -12.34 -18.58 -1.83
C ASP A 603 -12.25 -17.06 -1.92
N VAL A 604 -11.91 -16.45 -0.80
CA VAL A 604 -11.78 -14.99 -0.70
C VAL A 604 -10.42 -14.46 -1.20
N LEU A 605 -10.42 -13.25 -1.78
CA LEU A 605 -9.20 -12.65 -2.33
C LEU A 605 -8.32 -12.08 -1.21
N SER A 606 -8.94 -11.39 -0.27
CA SER A 606 -8.23 -10.61 0.75
C SER A 606 -9.05 -10.73 2.03
N VAL A 607 -8.45 -10.70 3.20
CA VAL A 607 -9.26 -10.75 4.40
C VAL A 607 -9.50 -9.34 4.86
N THR A 608 -10.68 -8.77 4.56
CA THR A 608 -11.05 -7.48 5.13
C THR A 608 -12.16 -7.64 6.16
N PRO A 609 -12.27 -6.67 7.07
CA PRO A 609 -13.41 -6.62 7.94
C PRO A 609 -14.70 -6.36 7.18
N ARG A 610 -15.79 -6.93 7.66
CA ARG A 610 -17.04 -6.82 6.93
C ARG A 610 -17.44 -5.36 6.74
N TYR A 611 -17.24 -4.56 7.78
CA TYR A 611 -17.40 -3.12 7.68
C TYR A 611 -16.30 -2.43 8.49
N THR A 612 -16.18 -1.14 8.25
CA THR A 612 -15.34 -0.26 9.01
C THR A 612 -15.98 1.10 9.04
N LEU A 613 -16.27 1.57 10.25
CA LEU A 613 -16.87 2.87 10.50
C LEU A 613 -15.85 3.69 11.29
N ASN A 614 -15.46 4.84 10.77
CA ASN A 614 -14.54 5.72 11.46
C ASN A 614 -15.31 6.97 11.85
N SER A 615 -15.19 7.37 13.11
CA SER A 615 -16.04 8.42 13.61
C SER A 615 -15.24 9.43 14.43
N MET A 616 -15.26 10.68 14.03
CA MET A 616 -14.62 11.73 14.82
C MET A 616 -15.62 12.78 15.29
N LEU A 617 -15.56 13.14 16.57
CA LEU A 617 -16.21 14.34 17.07
C LEU A 617 -15.12 15.38 17.29
N ASP A 618 -15.28 16.57 16.72
CA ASP A 618 -14.28 17.60 16.80
C ASP A 618 -14.86 18.87 17.42
N TRP A 619 -14.50 19.14 18.67
CA TRP A 619 -14.97 20.32 19.42
C TRP A 619 -13.84 21.35 19.44
N GLN A 620 -14.00 22.53 18.82
CA GLN A 620 -13.07 23.62 19.05
C GLN A 620 -13.63 24.38 20.25
N ALA A 621 -13.53 23.77 21.43
CA ALA A 621 -14.19 24.29 22.62
C ALA A 621 -13.74 25.74 22.84
N THR A 622 -12.46 26.01 22.60
CA THR A 622 -11.93 27.38 22.71
C THR A 622 -11.17 27.76 21.47
N ASP A 623 -10.85 29.05 21.35
CA ASP A 623 -10.04 29.52 20.24
C ASP A 623 -8.68 28.82 20.28
N ASP A 624 -8.13 28.65 21.47
CA ASP A 624 -6.84 28.00 21.63
C ASP A 624 -6.93 26.53 22.08
N LEU A 625 -8.11 25.93 22.07
CA LEU A 625 -8.22 24.51 22.46
C LEU A 625 -9.21 23.75 21.57
N SER A 626 -8.70 22.75 20.85
CA SER A 626 -9.56 21.77 20.20
C SER A 626 -9.42 20.42 20.85
N LEU A 627 -10.54 19.71 20.93
CA LEU A 627 -10.62 18.37 21.48
C LEU A 627 -11.25 17.42 20.46
N GLN A 628 -10.71 16.21 20.45
CA GLN A 628 -11.12 15.19 19.49
C GLN A 628 -11.42 13.88 20.19
N ALA A 629 -12.58 13.32 19.89
CA ALA A 629 -12.91 11.94 20.25
C ALA A 629 -13.08 11.14 18.98
N THR A 630 -12.57 9.91 18.95
CA THR A 630 -12.71 9.06 17.78
C THR A 630 -13.14 7.66 18.15
N VAL A 631 -13.93 7.05 17.28
CA VAL A 631 -14.29 5.65 17.39
C VAL A 631 -14.25 5.00 16.02
N THR A 632 -13.42 3.97 15.93
CA THR A 632 -13.44 3.05 14.81
C THR A 632 -14.05 1.70 15.21
N TRP A 633 -15.05 1.27 14.45
CA TRP A 633 -15.70 -0.01 14.59
C TRP A 633 -15.22 -0.89 13.41
N TYR A 634 -14.62 -2.02 13.74
CA TYR A 634 -14.30 -3.02 12.76
C TYR A 634 -15.35 -4.12 12.86
N GLY A 635 -15.79 -4.59 11.71
CA GLY A 635 -16.65 -5.76 11.63
C GLY A 635 -15.92 -7.09 11.77
N LYS A 636 -16.71 -8.15 11.68
CA LYS A 636 -16.25 -9.53 11.59
C LYS A 636 -15.18 -9.74 10.52
N GLN A 637 -14.22 -10.64 10.78
CA GLN A 637 -13.23 -11.02 9.80
C GLN A 637 -13.18 -12.55 9.69
N LYS A 638 -13.39 -13.09 8.48
CA LYS A 638 -13.33 -14.53 8.22
C LYS A 638 -12.01 -14.89 7.54
N PRO A 639 -11.42 -16.03 7.90
CA PRO A 639 -10.24 -16.54 7.18
C PRO A 639 -10.59 -17.21 5.85
N LYS A 640 -9.59 -17.55 5.06
CA LYS A 640 -9.81 -18.39 3.88
C LYS A 640 -10.39 -19.76 4.28
N LYS A 641 -11.21 -20.34 3.39
CA LYS A 641 -11.87 -21.63 3.64
C LYS A 641 -11.00 -22.84 3.23
N TYR A 642 -10.08 -22.62 2.29
CA TYR A 642 -9.29 -23.71 1.74
C TYR A 642 -7.82 -23.55 2.10
N ASP A 643 -7.15 -24.68 2.18
CA ASP A 643 -5.71 -24.70 2.47
C ASP A 643 -4.89 -24.66 1.19
N TYR A 644 -3.58 -24.83 1.32
CA TYR A 644 -2.71 -24.76 0.17
C TYR A 644 -3.04 -25.90 -0.77
N HIS A 645 -3.45 -27.01 -0.18
CA HIS A 645 -3.86 -28.19 -0.96
C HIS A 645 -5.18 -27.94 -1.67
N GLY A 646 -5.96 -27.01 -1.13
CA GLY A 646 -7.27 -26.69 -1.68
C GLY A 646 -8.40 -27.39 -0.95
N ASP A 647 -8.09 -27.97 0.22
CA ASP A 647 -9.09 -28.71 0.99
C ASP A 647 -9.61 -27.88 2.16
N ARG A 648 -10.92 -27.98 2.43
CA ARG A 648 -11.51 -27.28 3.57
C ARG A 648 -10.61 -27.40 4.81
N VAL A 649 -10.31 -26.27 5.44
CA VAL A 649 -9.44 -26.27 6.62
C VAL A 649 -10.21 -26.77 7.83
N THR A 650 -9.48 -27.12 8.88
CA THR A 650 -10.04 -27.76 10.09
C THR A 650 -9.47 -27.15 11.38
N GLY A 651 -10.29 -27.16 12.46
CA GLY A 651 -9.85 -26.73 13.78
C GLY A 651 -9.79 -25.22 13.93
N SER A 652 -8.70 -24.73 14.53
CA SER A 652 -8.52 -23.30 14.78
C SER A 652 -8.32 -22.45 13.52
N ALA A 653 -7.92 -23.09 12.43
CA ALA A 653 -7.84 -22.45 11.10
C ALA A 653 -9.16 -21.86 10.61
N ASN A 654 -10.27 -22.16 11.28
CA ASN A 654 -11.54 -21.53 10.93
C ASN A 654 -11.88 -20.33 11.78
N ASP A 655 -11.06 -20.07 12.80
CA ASP A 655 -11.37 -19.03 13.79
C ASP A 655 -11.63 -17.69 13.14
N GLN A 656 -12.63 -17.00 13.65
CA GLN A 656 -13.01 -15.67 13.17
C GLN A 656 -12.67 -14.64 14.24
N LEU A 657 -12.50 -13.40 13.81
CA LEU A 657 -12.46 -12.27 14.71
C LEU A 657 -13.83 -11.63 14.78
N SER A 658 -14.32 -11.48 16.01
CA SER A 658 -15.59 -10.82 16.25
C SER A 658 -15.39 -9.33 16.09
N PRO A 659 -16.50 -8.60 15.84
CA PRO A 659 -16.48 -7.15 15.73
C PRO A 659 -15.86 -6.53 16.96
N TYR A 660 -15.16 -5.43 16.79
CA TYR A 660 -14.62 -4.72 17.93
C TYR A 660 -14.40 -3.26 17.60
N ALA A 661 -14.26 -2.45 18.62
CA ALA A 661 -14.09 -1.02 18.38
C ALA A 661 -12.90 -0.48 19.14
N ILE A 662 -12.24 0.49 18.53
CA ILE A 662 -11.15 1.18 19.17
C ILE A 662 -11.58 2.62 19.29
N ALA A 663 -11.45 3.16 20.48
CA ALA A 663 -11.84 4.54 20.74
C ALA A 663 -10.63 5.32 21.17
N GLY A 664 -10.65 6.64 20.91
CA GLY A 664 -9.54 7.52 21.29
C GLY A 664 -9.98 8.94 21.60
N LEU A 665 -9.27 9.58 22.54
CA LEU A 665 -9.44 11.00 22.80
C LEU A 665 -8.09 11.66 22.59
N GLY A 666 -8.12 12.90 22.13
CA GLY A 666 -6.89 13.67 21.97
C GLY A 666 -7.21 15.15 21.91
N GLY A 667 -6.19 15.99 21.87
CA GLY A 667 -6.45 17.42 21.81
C GLY A 667 -5.20 18.13 21.36
N THR A 668 -5.37 19.38 20.92
CA THR A 668 -4.24 20.28 20.71
C THR A 668 -4.50 21.67 21.28
N TYR A 669 -3.53 22.13 22.07
CA TYR A 669 -3.60 23.43 22.73
C TYR A 669 -2.62 24.42 22.08
N ARG A 670 -3.20 25.44 21.50
CA ARG A 670 -2.45 26.56 20.96
C ARG A 670 -1.84 27.33 22.13
N LEU A 671 -0.52 27.24 22.31
CA LEU A 671 0.19 28.07 23.30
C LEU A 671 0.53 29.46 22.74
N SER A 672 0.83 29.53 21.44
CA SER A 672 0.91 30.81 20.70
C SER A 672 0.57 30.55 19.23
N LYS A 673 0.63 31.58 18.41
CA LYS A 673 0.64 31.38 16.96
C LYS A 673 1.69 30.34 16.59
N ASN A 674 2.85 30.36 17.26
CA ASN A 674 4.02 29.63 16.78
C ASN A 674 4.26 28.32 17.50
N LEU A 675 3.34 27.91 18.36
CA LEU A 675 3.58 26.70 19.14
C LEU A 675 2.29 26.06 19.66
N SER A 676 2.09 24.80 19.25
CA SER A 676 1.01 23.94 19.74
C SER A 676 1.53 22.73 20.51
N LEU A 677 0.83 22.38 21.59
CA LEU A 677 0.99 21.11 22.27
C LEU A 677 -0.11 20.19 21.81
N GLY A 678 0.18 18.90 21.70
CA GLY A 678 -0.85 17.90 21.47
C GLY A 678 -0.69 16.74 22.43
N ALA A 679 -1.78 16.03 22.73
CA ALA A 679 -1.72 14.89 23.62
C ALA A 679 -3.03 14.11 23.51
N GLY A 680 -2.93 12.80 23.71
CA GLY A 680 -4.12 11.97 23.71
C GLY A 680 -3.89 10.52 24.05
N VAL A 681 -4.94 9.73 23.82
CA VAL A 681 -4.92 8.30 24.08
C VAL A 681 -5.54 7.59 22.87
N ASP A 682 -4.79 6.72 22.24
CA ASP A 682 -5.40 5.76 21.33
C ASP A 682 -5.83 4.52 22.12
N ASN A 683 -6.89 3.84 21.66
CA ASN A 683 -7.37 2.64 22.34
C ASN A 683 -7.62 2.89 23.82
N LEU A 684 -8.58 3.76 24.09
CA LEU A 684 -8.96 4.15 25.46
C LEU A 684 -9.36 2.99 26.33
N PHE A 685 -10.05 2.00 25.76
CA PHE A 685 -10.50 0.81 26.51
C PHE A 685 -9.52 -0.38 26.40
N ASP A 686 -8.31 -0.13 25.92
CA ASP A 686 -7.23 -1.12 25.95
C ASP A 686 -7.64 -2.42 25.26
N LYS A 687 -8.46 -2.29 24.22
CA LYS A 687 -8.83 -3.44 23.43
C LYS A 687 -7.63 -3.99 22.66
N ARG A 688 -7.25 -5.24 22.95
CA ARG A 688 -6.00 -5.78 22.38
C ARG A 688 -6.23 -7.07 21.62
N LEU A 689 -5.47 -7.27 20.56
CA LEU A 689 -5.51 -8.50 19.81
C LEU A 689 -4.08 -8.94 19.57
N PHE A 690 -3.94 -10.22 19.26
CA PHE A 690 -2.66 -10.90 19.24
C PHE A 690 -2.58 -11.81 18.03
N ARG A 691 -1.42 -11.80 17.40
CA ARG A 691 -1.16 -12.66 16.23
C ARG A 691 -0.88 -14.07 16.73
N ALA A 692 -1.77 -15.02 16.41
CA ALA A 692 -1.61 -16.42 16.81
C ALA A 692 -0.80 -17.24 15.79
N GLY A 693 -0.76 -16.75 14.57
CA GLY A 693 0.07 -17.35 13.55
C GLY A 693 -0.51 -17.03 12.21
N ASN A 694 -0.60 -18.08 11.40
CA ASN A 694 -1.11 -17.99 10.05
C ASN A 694 -2.45 -18.71 10.00
N ALA A 695 -3.18 -18.43 8.94
CA ALA A 695 -4.59 -18.74 8.88
C ALA A 695 -4.89 -20.22 8.75
N GLN A 696 -3.88 -21.00 8.36
CA GLN A 696 -4.03 -22.44 8.26
C GLN A 696 -2.93 -23.21 8.98
N GLY A 697 -3.18 -24.49 9.19
CA GLY A 697 -2.26 -25.31 9.96
C GLY A 697 -1.23 -25.93 9.04
N VAL A 698 0.00 -26.02 9.55
CA VAL A 698 1.05 -26.89 9.00
C VAL A 698 1.50 -27.88 10.08
N VAL A 699 2.39 -28.81 9.73
CA VAL A 699 2.86 -29.84 10.65
C VAL A 699 3.37 -29.25 11.95
N GLY A 700 2.82 -29.70 13.08
CA GLY A 700 3.20 -29.19 14.40
C GLY A 700 2.86 -27.73 14.64
N ILE A 701 2.09 -27.10 13.75
CA ILE A 701 1.73 -25.68 13.91
C ILE A 701 0.27 -25.49 13.57
N ASP A 702 -0.57 -25.44 14.58
CA ASP A 702 -2.00 -25.28 14.36
C ASP A 702 -2.31 -23.92 13.76
N GLY A 703 -3.29 -23.89 12.89
CA GLY A 703 -3.77 -22.66 12.27
C GLY A 703 -4.30 -21.63 13.24
N ALA A 704 -4.47 -20.42 12.73
CA ALA A 704 -4.88 -19.31 13.58
C ALA A 704 -6.04 -18.50 12.99
N GLY A 705 -6.52 -18.93 11.82
CA GLY A 705 -7.59 -18.26 11.05
C GLY A 705 -7.34 -16.80 10.81
N ALA A 706 -8.29 -15.98 11.25
CA ALA A 706 -8.18 -14.55 11.03
C ALA A 706 -7.28 -13.85 12.04
N ALA A 707 -6.74 -14.58 13.03
CA ALA A 707 -5.98 -13.94 14.11
C ALA A 707 -4.51 -13.79 13.70
N THR A 708 -4.23 -12.88 12.78
CA THR A 708 -2.96 -12.83 12.08
C THR A 708 -2.15 -11.57 12.36
N TYR A 709 -2.71 -10.67 13.14
CA TYR A 709 -2.06 -9.38 13.42
C TYR A 709 -2.20 -8.99 14.90
N ASN A 710 -1.22 -8.21 15.34
CA ASN A 710 -1.31 -7.49 16.60
C ASN A 710 -1.94 -6.10 16.50
N GLU A 711 -3.08 -5.95 17.16
CA GLU A 711 -3.69 -4.65 17.47
C GLU A 711 -3.07 -4.17 18.79
N PRO A 712 -2.50 -2.95 18.76
CA PRO A 712 -1.86 -2.38 19.95
C PRO A 712 -2.87 -1.86 20.96
N GLY A 713 -2.49 -1.95 22.25
CA GLY A 713 -3.33 -1.59 23.37
C GLY A 713 -3.32 -0.11 23.68
N ARG A 714 -3.88 0.23 24.84
CA ARG A 714 -3.96 1.66 25.21
C ARG A 714 -2.55 2.25 25.14
N THR A 715 -2.44 3.41 24.45
CA THR A 715 -1.20 4.07 24.16
C THR A 715 -1.39 5.59 24.29
N PHE A 716 -0.69 6.19 25.27
CA PHE A 716 -0.71 7.64 25.46
C PHE A 716 0.30 8.23 24.49
N TYR A 717 0.11 9.49 24.10
CA TYR A 717 1.04 10.11 23.15
C TYR A 717 1.07 11.60 23.46
N THR A 718 2.24 12.22 23.22
CA THR A 718 2.34 13.68 23.23
C THR A 718 3.04 14.23 21.99
N SER A 719 2.88 15.52 21.77
CA SER A 719 3.37 16.13 20.55
C SER A 719 3.57 17.60 20.77
N LEU A 720 4.52 18.14 20.00
CA LEU A 720 4.84 19.56 20.02
C LEU A 720 5.10 20.02 18.59
N THR A 721 4.45 21.11 18.16
CA THR A 721 4.74 21.71 16.85
C THR A 721 5.00 23.20 16.95
N ALA A 722 6.24 23.58 16.64
CA ALA A 722 6.60 25.01 16.50
C ALA A 722 6.78 25.38 15.04
N SER A 723 6.22 26.51 14.65
CA SER A 723 6.35 26.96 13.28
C SER A 723 6.33 28.47 13.21
N PHE A 724 7.14 28.97 12.29
CA PHE A 724 6.99 30.30 11.70
C PHE A 724 6.66 30.11 10.22
#